data_8ZLT
#
_entry.id   8ZLT
#
_cell.length_a   52.392
_cell.length_b   122.632
_cell.length_c   84.050
_cell.angle_alpha   90.000
_cell.angle_beta   95.859
_cell.angle_gamma   90.000
#
_symmetry.space_group_name_H-M   'P 1 21 1'
#
loop_
_entity.id
_entity.type
_entity.pdbx_description
1 polymer MaDS1
2 non-polymer 'FLAVIN-ADENINE DINUCLEOTIDE'
3 non-polymer 'methyl 4-[(1~{E})-7-methyl-3-methylidene-octa-1,6-dienyl]-3,5-bis(oxidanyl)benzoate'
4 water water
#
_entity_poly.entity_id   1
_entity_poly.type   'polypeptide(L)'
_entity_poly.pdbx_seq_one_letter_code
;GSYNNHEHFLQCLTTRISESNSTSPVIYTHDDPSYFTVLNSSINNQRFSSPSAPKPFVIITPFHASHVQATVFCSKKHGM
QIRTRSGGHDYEGLSYVSSVSFVIIDLRNLNLINVDVESKSAWVQAGATIGELYYRIAEKSENLAFPAGDCPGVGIGGQI
GGGGYGYLARKYGLAADNVLDAEVIDVKGRILDRKSMGEDLFWAIRGGGPASFGIVLSWKLQLVPVPSIVTVFDVSRHME
DDTTKKFVHQWQRRADKVDEDLSIYGRFQTESSVDNEGNKKIVVRASFRATFHGGVDRLLQLMQKEFPELGLLRQECHEM
KWAETFLFHNNFRNGESLDVLLNRTSALKSSFKAKSDFVKKPISDDIFEEMLGKLYEKVGNAFIDLFPLGGKMNEISESA
TPFPYRAGNLYNIHYLVGWEEDGNITTSKKHVNWIRKLYNYMTPYVSKNPRATYLNFRDLDIGTNNKDDTTSSYNNIARA
SIWGTKYFKDNFYKLVYVKTIVDPTNFFRNEQSIPPLRRN
;
_entity_poly.pdbx_strand_id   A,B
#
# COMPACT_ATOMS: atom_id res chain seq x y z
N TYR A 3 -37.42 -24.51 4.60
CA TYR A 3 -36.26 -24.25 3.74
C TYR A 3 -35.00 -24.90 4.31
N ASN A 4 -34.32 -24.23 5.25
CA ASN A 4 -33.12 -24.79 5.88
C ASN A 4 -33.54 -25.74 6.99
N ASN A 5 -33.48 -27.04 6.73
CA ASN A 5 -33.95 -28.02 7.71
C ASN A 5 -32.85 -28.26 8.74
N HIS A 6 -33.08 -27.78 9.97
CA HIS A 6 -32.07 -27.87 11.02
C HIS A 6 -31.80 -29.33 11.41
N GLU A 7 -32.82 -30.18 11.32
CA GLU A 7 -32.61 -31.60 11.62
C GLU A 7 -31.68 -32.23 10.60
N HIS A 8 -31.87 -31.93 9.32
CA HIS A 8 -30.96 -32.44 8.31
C HIS A 8 -29.54 -31.92 8.53
N PHE A 9 -29.43 -30.62 8.86
CA PHE A 9 -28.12 -30.06 9.18
C PHE A 9 -27.47 -30.82 10.33
N LEU A 10 -28.21 -31.04 11.42
CA LEU A 10 -27.67 -31.78 12.55
C LEU A 10 -27.29 -33.21 12.14
N GLN A 11 -28.12 -33.87 11.33
CA GLN A 11 -27.74 -35.18 10.80
C GLN A 11 -26.43 -35.10 10.02
N CYS A 12 -26.32 -34.10 9.14
CA CYS A 12 -25.09 -33.90 8.38
C CYS A 12 -23.88 -33.78 9.30
N LEU A 13 -23.98 -32.90 10.31
CA LEU A 13 -22.88 -32.72 11.27
C LEU A 13 -22.48 -34.03 11.91
N THR A 14 -23.44 -34.74 12.51
CA THR A 14 -23.12 -35.89 13.35
C THR A 14 -22.64 -37.08 12.53
N THR A 15 -23.06 -37.19 11.27
CA THR A 15 -22.50 -38.26 10.44
C THR A 15 -21.15 -37.90 9.86
N ARG A 16 -20.80 -36.61 9.78
CA ARG A 16 -19.49 -36.20 9.28
C ARG A 16 -18.50 -35.89 10.38
N ILE A 17 -18.97 -35.65 11.60
CA ILE A 17 -18.14 -35.53 12.78
C ILE A 17 -18.36 -36.78 13.62
N SER A 18 -17.33 -37.60 13.76
CA SER A 18 -17.47 -38.80 14.57
C SER A 18 -17.52 -38.43 16.04
N GLU A 19 -18.53 -38.94 16.75
CA GLU A 19 -18.68 -38.68 18.17
C GLU A 19 -19.58 -39.73 18.82
N THR A 23 -13.95 -39.40 21.37
CA THR A 23 -15.12 -39.50 22.24
C THR A 23 -15.28 -38.21 23.05
N SER A 24 -14.40 -37.24 22.81
CA SER A 24 -14.60 -35.90 23.35
C SER A 24 -15.84 -35.28 22.70
N PRO A 25 -16.62 -34.49 23.44
CA PRO A 25 -17.83 -33.88 22.85
C PRO A 25 -17.46 -32.75 21.90
N VAL A 26 -17.92 -32.86 20.64
CA VAL A 26 -17.62 -31.88 19.62
C VAL A 26 -18.82 -31.00 19.29
N ILE A 27 -20.03 -31.54 19.37
CA ILE A 27 -21.24 -30.83 18.98
C ILE A 27 -22.08 -30.60 20.22
N TYR A 28 -22.46 -29.35 20.45
CA TYR A 28 -23.23 -28.98 21.62
C TYR A 28 -24.57 -28.43 21.15
N THR A 29 -25.64 -29.07 21.55
CA THR A 29 -26.99 -28.73 21.15
C THR A 29 -27.69 -28.05 22.32
N HIS A 30 -28.87 -27.49 22.04
CA HIS A 30 -29.59 -26.70 23.05
C HIS A 30 -29.92 -27.53 24.28
N ASP A 31 -30.28 -28.80 24.12
CA ASP A 31 -30.65 -29.61 25.27
C ASP A 31 -29.42 -30.09 26.05
N ASP A 32 -28.23 -29.92 25.49
CA ASP A 32 -27.00 -30.21 26.19
C ASP A 32 -26.77 -29.14 27.26
N PRO A 33 -26.73 -29.50 28.55
CA PRO A 33 -26.55 -28.46 29.57
C PRO A 33 -25.24 -27.70 29.40
N SER A 34 -24.19 -28.37 28.95
CA SER A 34 -22.91 -27.72 28.69
C SER A 34 -22.97 -26.72 27.53
N TYR A 35 -24.02 -26.75 26.71
CA TYR A 35 -24.12 -25.81 25.60
C TYR A 35 -24.04 -24.37 26.10
N PHE A 36 -24.61 -24.11 27.27
CA PHE A 36 -24.71 -22.74 27.77
C PHE A 36 -23.43 -22.29 28.44
N THR A 37 -22.74 -23.20 29.14
CA THR A 37 -21.46 -22.83 29.71
C THR A 37 -20.41 -22.66 28.62
N VAL A 38 -20.38 -23.54 27.62
CA VAL A 38 -19.52 -23.30 26.47
C VAL A 38 -19.85 -21.95 25.85
N LEU A 39 -21.13 -21.70 25.59
CA LEU A 39 -21.53 -20.42 25.02
C LEU A 39 -21.07 -19.26 25.90
N ASN A 40 -21.48 -19.26 27.17
CA ASN A 40 -21.20 -18.15 28.09
C ASN A 40 -19.72 -17.97 28.36
N SER A 41 -18.92 -19.03 28.35
CA SER A 41 -17.58 -18.98 28.94
C SER A 41 -16.65 -18.03 28.19
N SER A 42 -16.85 -17.84 26.89
CA SER A 42 -16.04 -16.89 26.13
C SER A 42 -16.92 -15.86 25.46
N ILE A 43 -17.89 -15.33 26.21
CA ILE A 43 -18.55 -14.09 25.84
C ILE A 43 -17.93 -13.03 26.73
N ASN A 44 -17.18 -12.10 26.15
CA ASN A 44 -16.51 -11.13 27.00
C ASN A 44 -17.37 -9.91 27.28
N ASN A 45 -18.10 -9.45 26.27
CA ASN A 45 -19.01 -8.32 26.44
C ASN A 45 -20.37 -8.86 26.87
N GLN A 46 -20.72 -8.64 28.15
CA GLN A 46 -21.85 -9.32 28.77
C GLN A 46 -23.18 -8.92 28.18
N ARG A 47 -23.22 -7.77 27.47
CA ARG A 47 -24.42 -7.39 26.74
C ARG A 47 -24.95 -8.55 25.91
N PHE A 48 -24.05 -9.32 25.30
CA PHE A 48 -24.46 -10.31 24.33
C PHE A 48 -24.63 -11.69 24.94
N SER A 49 -24.62 -11.81 26.27
CA SER A 49 -24.90 -13.09 26.93
C SER A 49 -26.33 -13.20 27.43
N SER A 50 -27.10 -12.12 27.35
CA SER A 50 -28.50 -12.19 27.72
C SER A 50 -29.18 -13.36 27.03
N PRO A 51 -30.07 -14.09 27.71
CA PRO A 51 -30.86 -15.11 27.01
C PRO A 51 -31.57 -14.59 25.77
N SER A 52 -31.85 -13.29 25.69
CA SER A 52 -32.57 -12.73 24.56
C SER A 52 -31.63 -12.26 23.44
N ALA A 53 -30.33 -12.51 23.58
CA ALA A 53 -29.43 -12.33 22.46
C ALA A 53 -29.50 -13.55 21.55
N PRO A 54 -29.16 -13.40 20.27
CA PRO A 54 -29.23 -14.55 19.36
C PRO A 54 -28.38 -15.70 19.88
N LYS A 55 -28.81 -16.91 19.53
CA LYS A 55 -28.23 -18.13 20.08
C LYS A 55 -27.89 -19.07 18.93
N PRO A 56 -26.69 -19.67 18.92
CA PRO A 56 -26.35 -20.59 17.85
C PRO A 56 -27.23 -21.84 17.93
N PHE A 57 -27.57 -22.37 16.76
CA PHE A 57 -28.29 -23.63 16.71
C PHE A 57 -27.49 -24.73 17.40
N VAL A 58 -26.19 -24.82 17.10
CA VAL A 58 -25.27 -25.66 17.85
C VAL A 58 -23.95 -24.90 17.93
N ILE A 59 -23.11 -25.34 18.88
CA ILE A 59 -21.73 -24.88 18.99
C ILE A 59 -20.83 -26.08 18.72
N ILE A 60 -19.83 -25.90 17.87
CA ILE A 60 -18.86 -26.93 17.54
C ILE A 60 -17.53 -26.54 18.18
N THR A 61 -16.99 -27.42 19.03
CA THR A 61 -15.66 -27.21 19.58
C THR A 61 -14.71 -28.18 18.92
N PRO A 62 -14.14 -27.84 17.76
CA PRO A 62 -13.30 -28.79 17.05
C PRO A 62 -12.06 -29.13 17.85
N PHE A 63 -11.64 -30.38 17.72
CA PHE A 63 -10.33 -30.82 18.16
C PHE A 63 -9.38 -31.03 16.99
N HIS A 64 -9.90 -31.01 15.77
CA HIS A 64 -9.16 -31.38 14.58
C HIS A 64 -9.73 -30.57 13.42
N ALA A 65 -8.89 -30.32 12.42
CA ALA A 65 -9.31 -29.55 11.26
C ALA A 65 -10.51 -30.18 10.56
N SER A 66 -10.60 -31.52 10.57
CA SER A 66 -11.71 -32.17 9.89
C SER A 66 -13.04 -31.79 10.52
N HIS A 67 -13.05 -31.53 11.82
CA HIS A 67 -14.26 -31.03 12.46
C HIS A 67 -14.68 -29.70 11.87
N VAL A 68 -13.71 -28.83 11.57
CA VAL A 68 -14.01 -27.54 10.95
C VAL A 68 -14.47 -27.75 9.52
N GLN A 69 -13.70 -28.56 8.76
CA GLN A 69 -14.09 -28.90 7.40
C GLN A 69 -15.48 -29.50 7.37
N ALA A 70 -15.80 -30.37 8.32
CA ALA A 70 -17.13 -30.94 8.36
C ALA A 70 -18.17 -29.85 8.60
N THR A 71 -17.90 -28.92 9.51
CA THR A 71 -18.86 -27.86 9.79
C THR A 71 -19.09 -26.99 8.57
N VAL A 72 -18.01 -26.60 7.89
CA VAL A 72 -18.11 -25.78 6.69
C VAL A 72 -18.93 -26.51 5.63
N PHE A 73 -18.69 -27.79 5.44
CA PHE A 73 -19.46 -28.55 4.46
C PHE A 73 -20.96 -28.47 4.76
N CYS A 74 -21.35 -28.84 5.98
CA CYS A 74 -22.77 -28.95 6.31
C CYS A 74 -23.44 -27.58 6.39
N SER A 75 -22.72 -26.57 6.90
CA SER A 75 -23.28 -25.22 6.99
C SER A 75 -23.57 -24.66 5.60
N LYS A 76 -22.62 -24.82 4.68
CA LYS A 76 -22.85 -24.47 3.28
C LYS A 76 -24.04 -25.24 2.71
N LYS A 77 -24.04 -26.57 2.89
CA LYS A 77 -25.07 -27.41 2.31
C LYS A 77 -26.44 -27.06 2.88
N HIS A 78 -26.51 -26.73 4.17
CA HIS A 78 -27.80 -26.53 4.80
C HIS A 78 -28.10 -25.08 5.13
N GLY A 79 -27.37 -24.15 4.55
CA GLY A 79 -27.69 -22.74 4.74
C GLY A 79 -27.52 -22.22 6.15
N MET A 80 -26.55 -22.74 6.90
CA MET A 80 -26.22 -22.25 8.23
C MET A 80 -25.05 -21.28 8.11
N GLN A 81 -25.12 -20.18 8.84
CA GLN A 81 -23.99 -19.27 8.92
C GLN A 81 -23.05 -19.71 10.02
N ILE A 82 -21.75 -19.56 9.80
CA ILE A 82 -20.75 -19.90 10.80
C ILE A 82 -20.25 -18.63 11.45
N ARG A 83 -20.15 -18.63 12.77
CA ARG A 83 -19.41 -17.60 13.49
C ARG A 83 -18.23 -18.29 14.15
N THR A 84 -17.02 -17.87 13.79
CA THR A 84 -15.81 -18.42 14.38
C THR A 84 -15.48 -17.67 15.66
N ARG A 85 -15.21 -18.41 16.73
CA ARG A 85 -14.85 -17.80 18.00
C ARG A 85 -13.53 -18.35 18.51
N SER A 86 -12.60 -17.46 18.80
CA SER A 86 -11.32 -17.82 19.39
C SER A 86 -11.36 -17.41 20.86
N GLY A 87 -11.21 -16.12 21.15
CA GLY A 87 -11.22 -15.69 22.53
C GLY A 87 -12.51 -15.04 22.99
N GLY A 88 -13.41 -14.78 22.05
CA GLY A 88 -14.71 -14.20 22.38
C GLY A 88 -14.65 -12.74 22.78
N HIS A 89 -13.58 -12.05 22.42
CA HIS A 89 -13.43 -10.67 22.86
C HIS A 89 -14.02 -9.66 21.89
N ASP A 90 -14.65 -10.11 20.81
CA ASP A 90 -15.18 -9.17 19.85
C ASP A 90 -16.03 -8.14 20.57
N TYR A 91 -15.74 -6.86 20.31
CA TYR A 91 -16.44 -5.78 21.01
C TYR A 91 -17.95 -5.88 20.81
N GLU A 92 -18.37 -6.32 19.64
CA GLU A 92 -19.78 -6.40 19.28
C GLU A 92 -20.28 -7.85 19.29
N GLY A 93 -19.51 -8.78 19.86
CA GLY A 93 -19.93 -10.17 19.92
C GLY A 93 -20.13 -10.85 18.60
N LEU A 94 -19.45 -10.40 17.54
CA LEU A 94 -19.66 -10.95 16.21
C LEU A 94 -19.19 -12.40 16.08
N SER A 95 -18.48 -12.91 17.07
CA SER A 95 -18.02 -14.29 17.07
C SER A 95 -19.06 -15.25 17.65
N TYR A 96 -20.14 -14.74 18.21
CA TYR A 96 -21.10 -15.65 18.81
C TYR A 96 -22.53 -15.14 18.71
N VAL A 97 -22.81 -14.10 17.92
CA VAL A 97 -24.16 -13.65 17.65
C VAL A 97 -24.31 -13.46 16.15
N SER A 98 -25.53 -13.64 15.67
CA SER A 98 -25.88 -13.43 14.27
C SER A 98 -27.38 -13.23 14.24
N SER A 99 -27.86 -12.50 13.26
CA SER A 99 -29.30 -12.35 13.10
C SER A 99 -29.90 -13.41 12.20
N VAL A 100 -29.12 -14.38 11.74
CA VAL A 100 -29.65 -15.52 11.01
C VAL A 100 -29.21 -16.79 11.71
N SER A 101 -29.84 -17.91 11.33
CA SER A 101 -29.49 -19.19 11.93
C SER A 101 -28.00 -19.44 11.78
N PHE A 102 -27.32 -19.69 12.89
CA PHE A 102 -25.88 -19.78 12.85
C PHE A 102 -25.39 -20.85 13.82
N VAL A 103 -24.18 -21.34 13.57
CA VAL A 103 -23.43 -22.18 14.49
C VAL A 103 -22.15 -21.44 14.85
N ILE A 104 -21.67 -21.64 16.07
CA ILE A 104 -20.35 -21.13 16.48
C ILE A 104 -19.34 -22.25 16.31
N ILE A 105 -18.26 -21.98 15.59
CA ILE A 105 -17.06 -22.82 15.64
C ILE A 105 -16.18 -22.18 16.72
N ASP A 106 -16.13 -22.83 17.88
CA ASP A 106 -15.38 -22.34 19.03
C ASP A 106 -14.04 -23.07 19.08
N LEU A 107 -12.95 -22.32 18.93
CA LEU A 107 -11.63 -22.91 18.74
C LEU A 107 -10.87 -23.12 20.04
N ARG A 108 -11.55 -23.13 21.20
CA ARG A 108 -10.84 -23.20 22.47
C ARG A 108 -9.97 -24.46 22.58
N ASN A 109 -10.36 -25.56 21.93
CA ASN A 109 -9.53 -26.75 22.05
C ASN A 109 -8.37 -26.73 21.08
N LEU A 110 -8.39 -25.82 20.12
CA LEU A 110 -7.31 -25.70 19.16
C LEU A 110 -6.35 -24.61 19.68
N ASN A 111 -5.65 -24.96 20.77
CA ASN A 111 -4.78 -24.02 21.45
C ASN A 111 -3.38 -24.58 21.67
N LEU A 112 -2.97 -25.54 20.86
CA LEU A 112 -1.60 -26.04 20.96
C LEU A 112 -0.63 -24.96 20.52
N ILE A 113 0.48 -24.82 21.23
CA ILE A 113 1.53 -23.87 20.88
C ILE A 113 2.86 -24.60 20.83
N ASN A 114 3.58 -24.46 19.74
CA ASN A 114 4.89 -25.09 19.64
C ASN A 114 5.92 -23.98 19.42
N VAL A 115 6.64 -23.64 20.49
CA VAL A 115 7.67 -22.61 20.44
C VAL A 115 8.99 -23.28 20.07
N ASP A 116 9.72 -22.68 19.13
CA ASP A 116 11.04 -23.14 18.73
C ASP A 116 12.01 -21.99 18.94
N VAL A 117 12.86 -22.10 19.97
CA VAL A 117 13.76 -21.01 20.30
C VAL A 117 14.75 -20.76 19.18
N GLU A 118 15.33 -21.83 18.63
CA GLU A 118 16.44 -21.67 17.70
C GLU A 118 16.00 -20.99 16.42
N SER A 119 14.80 -21.28 15.92
CA SER A 119 14.28 -20.54 14.78
C SER A 119 13.53 -19.28 15.20
N LYS A 120 13.45 -18.99 16.49
CA LYS A 120 12.71 -17.84 16.99
C LYS A 120 11.33 -17.79 16.34
N SER A 121 10.62 -18.91 16.40
CA SER A 121 9.31 -18.98 15.77
C SER A 121 8.43 -19.93 16.57
N ALA A 122 7.12 -19.80 16.37
CA ALA A 122 6.16 -20.65 17.04
C ALA A 122 4.96 -20.87 16.13
N TRP A 123 4.51 -22.12 16.06
CA TRP A 123 3.21 -22.43 15.49
C TRP A 123 2.20 -22.36 16.62
N VAL A 124 1.14 -21.59 16.41
CA VAL A 124 0.15 -21.30 17.44
C VAL A 124 -1.21 -21.57 16.83
N GLN A 125 -1.91 -22.55 17.38
CA GLN A 125 -3.27 -22.80 16.90
C GLN A 125 -4.16 -21.63 17.29
N ALA A 126 -5.11 -21.32 16.41
CA ALA A 126 -5.82 -20.04 16.46
C ALA A 126 -6.75 -19.92 17.64
N GLY A 127 -6.94 -20.97 18.43
CA GLY A 127 -7.75 -20.87 19.62
C GLY A 127 -6.96 -20.56 20.84
N ALA A 128 -5.63 -20.46 20.72
CA ALA A 128 -4.83 -20.09 21.87
C ALA A 128 -5.10 -18.65 22.23
N THR A 129 -4.97 -18.35 23.52
CA THR A 129 -5.05 -16.99 24.00
C THR A 129 -3.67 -16.38 24.06
N ILE A 130 -3.66 -15.04 24.13
CA ILE A 130 -2.42 -14.29 24.26
C ILE A 130 -1.68 -14.73 25.52
N GLY A 131 -2.39 -14.89 26.64
CA GLY A 131 -1.74 -15.33 27.86
C GLY A 131 -1.08 -16.69 27.69
N GLU A 132 -1.76 -17.60 26.98
CA GLU A 132 -1.17 -18.91 26.71
C GLU A 132 0.08 -18.78 25.84
N LEU A 133 0.04 -17.90 24.84
CA LEU A 133 1.21 -17.66 24.00
C LEU A 133 2.38 -17.12 24.82
N TYR A 134 2.15 -16.10 25.65
CA TYR A 134 3.25 -15.56 26.45
C TYR A 134 3.82 -16.60 27.41
N TYR A 135 2.96 -17.39 28.06
CA TYR A 135 3.42 -18.46 28.92
C TYR A 135 4.30 -19.45 28.16
N ARG A 136 3.83 -19.89 26.99
CA ARG A 136 4.61 -20.86 26.22
C ARG A 136 5.93 -20.28 25.73
N ILE A 137 5.99 -18.98 25.44
CA ILE A 137 7.27 -18.39 25.07
C ILE A 137 8.19 -18.36 26.28
N ALA A 138 7.68 -17.89 27.41
CA ALA A 138 8.49 -17.76 28.61
C ALA A 138 8.97 -19.12 29.10
N GLU A 139 8.20 -20.16 28.84
CA GLU A 139 8.60 -21.52 29.18
C GLU A 139 9.96 -21.85 28.57
N LYS A 140 10.24 -21.31 27.39
CA LYS A 140 11.41 -21.67 26.61
C LYS A 140 12.51 -20.62 26.63
N SER A 141 12.16 -19.34 26.73
CA SER A 141 13.17 -18.29 26.70
C SER A 141 12.63 -17.05 27.37
N GLU A 142 13.44 -16.43 28.24
CA GLU A 142 13.06 -15.13 28.77
C GLU A 142 13.44 -14.00 27.83
N ASN A 143 14.14 -14.31 26.75
CA ASN A 143 14.63 -13.31 25.81
C ASN A 143 13.88 -13.34 24.50
N LEU A 144 12.80 -14.09 24.42
CA LEU A 144 11.96 -14.06 23.24
C LEU A 144 10.60 -13.52 23.61
N ALA A 145 9.92 -12.95 22.63
CA ALA A 145 8.63 -12.38 22.87
C ALA A 145 7.83 -12.46 21.59
N PHE A 146 6.55 -12.14 21.69
CA PHE A 146 5.78 -11.87 20.49
C PHE A 146 5.00 -10.58 20.68
N PRO A 147 4.97 -9.69 19.66
CA PRO A 147 4.26 -8.43 19.82
C PRO A 147 2.75 -8.63 19.74
N ALA A 148 2.07 -8.62 20.88
CA ALA A 148 0.63 -8.73 20.87
C ALA A 148 0.10 -7.90 22.03
N GLY A 149 -1.16 -8.13 22.38
CA GLY A 149 -1.79 -7.30 23.39
C GLY A 149 -1.48 -7.75 24.79
N ASP A 150 -2.07 -7.02 25.75
CA ASP A 150 -1.82 -7.27 27.15
C ASP A 150 -2.96 -7.98 27.85
N CYS A 151 -4.09 -8.18 27.20
CA CYS A 151 -5.20 -8.93 27.81
C CYS A 151 -4.95 -10.42 27.59
N PRO A 152 -4.70 -11.19 28.64
CA PRO A 152 -4.28 -12.59 28.43
C PRO A 152 -5.40 -13.50 27.93
N GLY A 153 -6.67 -13.16 28.14
CA GLY A 153 -7.75 -14.00 27.67
C GLY A 153 -8.19 -13.78 26.23
N VAL A 154 -7.56 -12.83 25.53
CA VAL A 154 -7.93 -12.58 24.15
C VAL A 154 -7.43 -13.72 23.28
N GLY A 155 -8.27 -14.13 22.34
CA GLY A 155 -7.88 -15.17 21.40
C GLY A 155 -6.88 -14.65 20.38
N ILE A 156 -5.88 -15.48 20.08
CA ILE A 156 -4.90 -15.10 19.09
C ILE A 156 -5.48 -15.08 17.69
N GLY A 157 -6.56 -15.84 17.44
CA GLY A 157 -7.17 -15.79 16.12
C GLY A 157 -7.76 -14.43 15.83
N GLY A 158 -8.48 -13.88 16.79
CA GLY A 158 -9.08 -12.57 16.58
C GLY A 158 -8.09 -11.43 16.67
N GLN A 159 -7.12 -11.52 17.57
CA GLN A 159 -6.25 -10.38 17.79
C GLN A 159 -5.34 -10.17 16.59
N ILE A 160 -4.75 -11.24 16.07
CA ILE A 160 -3.94 -11.10 14.86
C ILE A 160 -4.85 -10.83 13.68
N GLY A 161 -6.04 -11.43 13.68
CA GLY A 161 -6.95 -11.19 12.58
C GLY A 161 -7.30 -9.74 12.39
N GLY A 162 -7.21 -8.94 13.46
CA GLY A 162 -7.52 -7.52 13.38
C GLY A 162 -6.30 -6.61 13.50
N GLY A 163 -5.13 -7.22 13.63
CA GLY A 163 -3.90 -6.46 13.75
C GLY A 163 -3.08 -6.88 14.94
N GLY A 164 -3.41 -6.35 16.12
CA GLY A 164 -2.76 -6.80 17.35
C GLY A 164 -1.67 -5.88 17.87
N TYR A 165 -2.08 -4.89 18.63
CA TYR A 165 -1.19 -3.86 19.14
C TYR A 165 -0.87 -4.11 20.60
N GLY A 166 0.36 -3.80 20.98
CA GLY A 166 0.70 -3.79 22.38
C GLY A 166 1.99 -3.05 22.62
N TYR A 167 2.56 -3.28 23.80
CA TYR A 167 3.72 -2.53 24.24
C TYR A 167 4.93 -2.70 23.32
N LEU A 168 4.97 -3.78 22.52
CA LEU A 168 6.08 -4.00 21.60
C LEU A 168 5.81 -3.46 20.19
N ALA A 169 4.63 -2.86 19.95
CA ALA A 169 4.29 -2.44 18.60
C ALA A 169 5.23 -1.33 18.12
N ARG A 170 5.60 -0.39 19.01
CA ARG A 170 6.52 0.68 18.61
C ARG A 170 7.91 0.15 18.32
N LYS A 171 8.21 -1.08 18.73
CA LYS A 171 9.49 -1.71 18.46
C LYS A 171 9.40 -2.69 17.30
N TYR A 172 8.32 -3.47 17.21
CA TYR A 172 8.25 -4.54 16.23
C TYR A 172 6.98 -4.57 15.39
N GLY A 173 6.07 -3.61 15.57
CA GLY A 173 4.86 -3.62 14.77
C GLY A 173 3.79 -4.46 15.45
N LEU A 174 2.68 -4.59 14.74
CA LEU A 174 1.54 -5.37 15.20
C LEU A 174 1.85 -6.85 15.19
N ALA A 175 1.04 -7.61 15.92
CA ALA A 175 1.08 -9.07 15.83
C ALA A 175 1.00 -9.51 14.38
N ALA A 176 0.11 -8.86 13.61
CA ALA A 176 -0.07 -9.20 12.21
C ALA A 176 1.18 -8.94 11.38
N ASP A 177 2.05 -8.02 11.82
CA ASP A 177 3.32 -7.74 11.14
C ASP A 177 4.37 -8.81 11.42
N ASN A 178 4.04 -9.80 12.22
CA ASN A 178 5.02 -10.76 12.71
C ASN A 178 4.50 -12.18 12.55
N VAL A 179 3.73 -12.39 11.49
CA VAL A 179 3.20 -13.70 11.15
C VAL A 179 3.99 -14.19 9.94
N LEU A 180 4.56 -15.37 10.05
CA LEU A 180 5.34 -16.00 8.99
C LEU A 180 4.49 -16.90 8.12
N ASP A 181 3.46 -17.51 8.71
CA ASP A 181 2.65 -18.46 7.98
C ASP A 181 1.35 -18.61 8.77
N ALA A 182 0.40 -19.33 8.19
CA ALA A 182 -0.89 -19.55 8.81
C ALA A 182 -1.52 -20.75 8.14
N GLU A 183 -2.43 -21.40 8.84
CA GLU A 183 -3.29 -22.42 8.24
C GLU A 183 -4.71 -21.91 8.33
N VAL A 184 -5.46 -22.04 7.25
CA VAL A 184 -6.83 -21.56 7.17
C VAL A 184 -7.67 -22.58 6.40
N ILE A 185 -8.93 -22.68 6.77
CA ILE A 185 -9.94 -23.43 6.02
C ILE A 185 -10.70 -22.44 5.15
N ASP A 186 -10.71 -22.64 3.84
CA ASP A 186 -11.46 -21.74 2.99
C ASP A 186 -12.89 -22.28 2.79
N VAL A 187 -13.67 -21.61 1.94
CA VAL A 187 -15.08 -21.96 1.76
C VAL A 187 -15.26 -23.33 1.11
N LYS A 188 -14.25 -23.82 0.40
CA LYS A 188 -14.29 -25.15 -0.18
C LYS A 188 -13.89 -26.23 0.84
N GLY A 189 -13.58 -25.84 2.07
CA GLY A 189 -13.11 -26.80 3.04
C GLY A 189 -11.66 -27.20 2.91
N ARG A 190 -10.90 -26.52 2.06
CA ARG A 190 -9.49 -26.87 1.92
C ARG A 190 -8.68 -26.29 3.06
N ILE A 191 -7.72 -27.07 3.55
CA ILE A 191 -6.73 -26.58 4.49
C ILE A 191 -5.60 -25.95 3.67
N LEU A 192 -5.41 -24.65 3.82
CA LEU A 192 -4.41 -23.93 3.04
C LEU A 192 -3.39 -23.32 3.98
N ASP A 193 -2.14 -23.24 3.54
CA ASP A 193 -1.19 -22.43 4.29
C ASP A 193 -0.79 -21.25 3.41
N ARG A 194 0.23 -20.53 3.85
CA ARG A 194 0.61 -19.28 3.17
C ARG A 194 0.87 -19.53 1.70
N LYS A 195 1.65 -20.55 1.37
CA LYS A 195 1.96 -20.82 -0.02
C LYS A 195 0.71 -21.21 -0.82
N SER A 196 -0.12 -22.10 -0.26
CA SER A 196 -1.27 -22.58 -1.02
C SER A 196 -2.44 -21.61 -0.97
N MET A 197 -2.55 -20.81 0.09
CA MET A 197 -3.59 -19.79 0.08
C MET A 197 -3.20 -18.58 -0.76
N GLY A 198 -1.92 -18.38 -1.03
CA GLY A 198 -1.49 -17.24 -1.81
C GLY A 198 -1.27 -16.02 -0.93
N GLU A 199 -0.39 -15.15 -1.40
CA GLU A 199 0.03 -13.99 -0.59
C GLU A 199 -1.15 -13.07 -0.29
N ASP A 200 -2.14 -13.03 -1.18
CA ASP A 200 -3.21 -12.05 -1.01
C ASP A 200 -4.13 -12.44 0.12
N LEU A 201 -4.51 -13.72 0.20
CA LEU A 201 -5.30 -14.16 1.34
C LEU A 201 -4.46 -14.17 2.60
N PHE A 202 -3.18 -14.55 2.49
CA PHE A 202 -2.31 -14.47 3.67
C PHE A 202 -2.24 -13.04 4.19
N TRP A 203 -2.24 -12.06 3.28
CA TRP A 203 -2.30 -10.66 3.67
C TRP A 203 -3.61 -10.35 4.37
N ALA A 204 -4.73 -10.78 3.78
CA ALA A 204 -6.05 -10.34 4.24
C ALA A 204 -6.35 -10.82 5.66
N ILE A 205 -5.93 -12.04 5.99
CA ILE A 205 -6.29 -12.56 7.31
C ILE A 205 -5.48 -11.92 8.40
N ARG A 206 -4.37 -11.26 8.07
CA ARG A 206 -3.49 -10.61 9.06
C ARG A 206 -3.87 -9.14 9.24
N GLY A 207 -5.08 -8.90 9.74
CA GLY A 207 -5.55 -7.56 9.99
C GLY A 207 -6.80 -7.20 9.24
N GLY A 208 -7.21 -8.00 8.26
CA GLY A 208 -8.38 -7.70 7.47
C GLY A 208 -9.66 -8.33 7.99
N GLY A 209 -9.63 -8.95 9.17
CA GLY A 209 -10.81 -9.62 9.68
C GLY A 209 -10.99 -10.94 8.97
N PRO A 210 -10.38 -11.99 9.52
CA PRO A 210 -10.44 -13.31 8.85
C PRO A 210 -11.84 -13.88 8.75
N ALA A 211 -12.76 -13.46 9.60
CA ALA A 211 -14.14 -13.93 9.50
C ALA A 211 -14.74 -13.67 8.13
N SER A 212 -14.22 -12.68 7.40
CA SER A 212 -14.70 -12.40 6.05
C SER A 212 -14.24 -13.42 5.02
N PHE A 213 -13.28 -14.29 5.35
CA PHE A 213 -12.57 -15.05 4.34
C PHE A 213 -12.50 -16.54 4.62
N GLY A 214 -12.49 -16.94 5.88
CA GLY A 214 -12.37 -18.34 6.19
C GLY A 214 -12.20 -18.55 7.68
N ILE A 215 -11.59 -19.67 8.03
CA ILE A 215 -11.37 -20.03 9.42
C ILE A 215 -9.89 -20.27 9.59
N VAL A 216 -9.22 -19.40 10.31
CA VAL A 216 -7.80 -19.59 10.61
C VAL A 216 -7.69 -20.65 11.69
N LEU A 217 -6.85 -21.66 11.41
CA LEU A 217 -6.62 -22.74 12.34
C LEU A 217 -5.37 -22.50 13.17
N SER A 218 -4.41 -21.76 12.61
CA SER A 218 -3.14 -21.64 13.28
C SER A 218 -2.36 -20.52 12.63
N TRP A 219 -1.47 -19.92 13.42
CA TRP A 219 -0.52 -18.93 12.95
C TRP A 219 0.89 -19.45 13.18
N LYS A 220 1.80 -19.13 12.27
CA LYS A 220 3.22 -19.27 12.54
C LYS A 220 3.80 -17.89 12.82
N LEU A 221 4.29 -17.70 14.04
CA LEU A 221 4.67 -16.41 14.58
C LEU A 221 6.18 -16.23 14.55
N GLN A 222 6.61 -15.03 14.16
CA GLN A 222 7.99 -14.60 14.32
C GLN A 222 8.18 -14.15 15.76
N LEU A 223 9.00 -14.86 16.52
CA LEU A 223 9.29 -14.41 17.87
C LEU A 223 10.37 -13.33 17.81
N VAL A 224 10.36 -12.44 18.78
CA VAL A 224 11.25 -11.28 18.71
C VAL A 224 12.06 -11.18 20.00
N PRO A 225 13.26 -10.61 19.94
CA PRO A 225 14.09 -10.59 21.15
C PRO A 225 13.64 -9.51 22.12
N VAL A 226 13.77 -9.84 23.40
CA VAL A 226 13.57 -8.90 24.49
C VAL A 226 14.67 -9.07 25.50
N PRO A 227 15.07 -7.98 26.13
CA PRO A 227 16.07 -8.10 27.21
C PRO A 227 15.52 -8.87 28.40
N SER A 228 16.44 -9.43 29.18
CA SER A 228 16.07 -10.18 30.37
C SER A 228 15.47 -9.29 31.45
N ILE A 229 15.80 -8.01 31.44
CA ILE A 229 15.25 -7.04 32.36
C ILE A 229 14.52 -5.99 31.54
N VAL A 230 13.22 -5.85 31.79
CA VAL A 230 12.44 -4.74 31.28
C VAL A 230 11.79 -4.06 32.47
N THR A 231 11.36 -2.81 32.28
CA THR A 231 10.84 -1.97 33.34
C THR A 231 9.42 -1.53 33.02
N VAL A 232 8.56 -1.60 34.02
CA VAL A 232 7.17 -1.18 33.88
C VAL A 232 6.86 -0.17 34.96
N PHE A 233 5.84 0.64 34.70
CA PHE A 233 5.22 1.44 35.75
C PHE A 233 3.75 1.59 35.42
N ASP A 234 2.98 1.88 36.45
CA ASP A 234 1.54 2.10 36.31
C ASP A 234 1.22 3.13 37.38
N VAL A 235 1.11 4.38 36.94
CA VAL A 235 1.28 5.54 37.79
C VAL A 235 0.01 6.36 37.70
N SER A 236 -0.50 6.81 38.84
CA SER A 236 -1.71 7.61 38.87
C SER A 236 -1.34 9.07 39.15
N ARG A 237 -2.02 9.98 38.49
CA ARG A 237 -1.78 11.41 38.61
C ARG A 237 -3.13 12.11 38.62
N HIS A 238 -3.14 13.36 39.05
CA HIS A 238 -4.37 14.12 39.18
C HIS A 238 -4.41 15.14 38.05
N MET A 239 -5.44 15.04 37.21
CA MET A 239 -5.52 15.91 36.06
C MET A 239 -5.75 17.37 36.43
N GLU A 240 -6.15 17.65 37.68
CA GLU A 240 -6.23 19.03 38.16
C GLU A 240 -4.86 19.66 38.35
N ASP A 241 -3.79 18.88 38.43
CA ASP A 241 -2.46 19.44 38.58
C ASP A 241 -1.90 19.89 37.23
N ASP A 242 -1.38 21.12 37.19
CA ASP A 242 -0.86 21.65 35.93
C ASP A 242 0.25 20.77 35.37
N THR A 243 1.10 20.22 36.22
CA THR A 243 2.17 19.39 35.69
C THR A 243 1.60 18.15 35.00
N THR A 244 0.50 17.61 35.53
CA THR A 244 -0.14 16.49 34.85
C THR A 244 -0.78 16.93 33.54
N LYS A 245 -1.44 18.09 33.53
CA LYS A 245 -1.93 18.62 32.27
C LYS A 245 -0.81 18.79 31.27
N LYS A 246 0.33 19.32 31.73
CA LYS A 246 1.42 19.53 30.79
C LYS A 246 2.07 18.22 30.39
N PHE A 247 2.07 17.21 31.27
CA PHE A 247 2.51 15.89 30.84
C PHE A 247 1.67 15.41 29.67
N VAL A 248 0.34 15.48 29.78
CA VAL A 248 -0.52 15.00 28.70
C VAL A 248 -0.23 15.79 27.43
N HIS A 249 -0.03 17.10 27.57
CA HIS A 249 0.35 17.91 26.43
C HIS A 249 1.61 17.38 25.76
N GLN A 250 2.62 17.03 26.57
CA GLN A 250 3.85 16.50 26.00
C GLN A 250 3.67 15.08 25.48
N TRP A 251 2.84 14.28 26.17
CA TRP A 251 2.57 12.93 25.72
C TRP A 251 2.02 12.93 24.29
N GLN A 252 1.08 13.85 24.00
CA GLN A 252 0.49 13.92 22.67
C GLN A 252 1.54 14.19 21.59
N ARG A 253 2.60 14.94 21.93
CA ARG A 253 3.58 15.36 20.94
C ARG A 253 4.82 14.48 20.92
N ARG A 254 5.00 13.61 21.91
CA ARG A 254 6.27 12.90 22.06
C ARG A 254 6.15 11.41 22.29
N ALA A 255 4.99 10.90 22.72
CA ALA A 255 4.87 9.48 23.05
C ALA A 255 5.08 8.58 21.82
N ASP A 256 4.80 9.10 20.63
CA ASP A 256 5.06 8.35 19.41
C ASP A 256 6.47 8.57 18.87
N LYS A 257 7.24 9.46 19.50
CA LYS A 257 8.56 9.82 18.98
C LYS A 257 9.71 9.36 19.86
N VAL A 258 9.47 9.05 21.13
CA VAL A 258 10.54 8.68 22.04
C VAL A 258 11.10 7.33 21.61
N ASP A 259 12.27 6.99 22.15
CA ASP A 259 12.85 5.65 22.08
C ASP A 259 11.79 4.56 21.90
N GLU A 260 11.92 3.82 20.80
CA GLU A 260 11.03 2.72 20.44
C GLU A 260 10.86 1.69 21.56
N ASP A 261 11.80 1.62 22.50
CA ASP A 261 11.66 0.66 23.58
C ASP A 261 10.68 1.11 24.64
N LEU A 262 10.14 2.32 24.53
CA LEU A 262 9.27 2.88 25.56
C LEU A 262 7.86 3.07 25.00
N SER A 263 6.88 2.44 25.64
CA SER A 263 5.49 2.66 25.27
C SER A 263 4.74 3.04 26.54
N ILE A 264 4.23 4.28 26.58
CA ILE A 264 3.44 4.77 27.70
C ILE A 264 1.99 4.92 27.24
N TYR A 265 1.11 4.16 27.84
CA TYR A 265 -0.31 4.29 27.60
C TYR A 265 -0.89 5.28 28.61
N GLY A 266 -1.97 5.94 28.24
CA GLY A 266 -2.65 6.77 29.21
C GLY A 266 -4.05 6.24 29.50
N ARG A 267 -4.63 6.58 30.65
CA ARG A 267 -6.03 6.29 30.89
C ARG A 267 -6.61 7.38 31.77
N PHE A 268 -7.76 7.91 31.35
CA PHE A 268 -8.48 8.94 32.07
C PHE A 268 -9.81 8.39 32.53
N GLN A 269 -10.16 8.66 33.78
CA GLN A 269 -11.45 8.31 34.32
C GLN A 269 -11.78 9.31 35.41
N THR A 270 -13.04 9.37 35.78
CA THR A 270 -13.38 10.20 36.92
C THR A 270 -13.54 9.34 38.17
N GLU A 271 -13.40 10.01 39.32
CA GLU A 271 -13.48 9.44 40.65
C GLU A 271 -14.28 10.39 41.53
N SER A 272 -15.06 9.83 42.47
CA SER A 272 -15.88 10.63 43.38
C SER A 272 -15.06 11.10 44.58
N ASN A 279 -19.70 16.37 51.13
CA ASN A 279 -20.12 16.78 49.79
C ASN A 279 -19.28 16.10 48.70
N LYS A 280 -19.96 15.45 47.75
CA LYS A 280 -19.27 14.75 46.68
C LYS A 280 -18.45 15.74 45.85
N LYS A 281 -17.23 15.34 45.52
CA LYS A 281 -16.41 16.04 44.53
C LYS A 281 -15.94 15.01 43.50
N ILE A 282 -16.04 15.37 42.22
CA ILE A 282 -15.61 14.49 41.13
C ILE A 282 -14.32 15.04 40.56
N VAL A 283 -13.33 14.15 40.38
CA VAL A 283 -12.05 14.55 39.79
C VAL A 283 -11.70 13.58 38.66
N VAL A 284 -10.77 14.00 37.85
CA VAL A 284 -10.29 13.19 36.74
C VAL A 284 -8.96 12.59 37.16
N ARG A 285 -8.92 11.27 37.26
CA ARG A 285 -7.68 10.55 37.49
C ARG A 285 -7.04 10.27 36.14
N ALA A 286 -5.75 10.55 36.04
CA ALA A 286 -4.98 10.28 34.83
C ALA A 286 -3.94 9.24 35.18
N SER A 287 -4.08 8.04 34.61
CA SER A 287 -3.15 6.95 34.91
C SER A 287 -2.29 6.67 33.69
N PHE A 288 -1.01 6.43 33.94
CA PHE A 288 -0.05 6.19 32.86
C PHE A 288 0.69 4.89 33.16
N ARG A 289 0.57 3.95 32.24
CA ARG A 289 1.10 2.61 32.40
C ARG A 289 2.03 2.34 31.24
N ALA A 290 3.18 1.74 31.55
CA ALA A 290 4.21 1.66 30.53
C ALA A 290 4.96 0.35 30.66
N THR A 291 5.47 -0.11 29.54
CA THR A 291 6.59 -1.02 29.54
C THR A 291 7.74 -0.33 28.84
N PHE A 292 8.90 -0.35 29.48
CA PHE A 292 10.15 0.05 28.87
C PHE A 292 10.99 -1.20 28.68
N HIS A 293 11.36 -1.48 27.45
CA HIS A 293 12.11 -2.69 27.15
C HIS A 293 13.59 -2.40 27.39
N GLY A 294 13.91 -2.30 28.68
CA GLY A 294 15.25 -1.98 29.10
C GLY A 294 15.28 -1.75 30.59
N GLY A 295 16.45 -1.33 31.07
CA GLY A 295 16.66 -1.16 32.50
C GLY A 295 16.05 0.13 33.04
N VAL A 296 15.89 0.15 34.37
CA VAL A 296 15.22 1.26 35.01
C VAL A 296 16.04 2.54 34.93
N ASP A 297 17.38 2.44 34.96
CA ASP A 297 18.20 3.64 34.91
C ASP A 297 18.10 4.34 33.56
N ARG A 298 18.12 3.57 32.47
CA ARG A 298 17.89 4.14 31.15
C ARG A 298 16.48 4.76 31.06
N LEU A 299 15.47 4.05 31.58
CA LEU A 299 14.12 4.61 31.60
C LEU A 299 14.10 5.96 32.30
N LEU A 300 14.63 6.02 33.53
CA LEU A 300 14.52 7.25 34.31
C LEU A 300 15.24 8.40 33.63
N GLN A 301 16.36 8.14 32.98
CA GLN A 301 17.00 9.26 32.31
C GLN A 301 16.27 9.61 31.01
N LEU A 302 15.66 8.63 30.34
CA LEU A 302 14.77 8.94 29.23
C LEU A 302 13.60 9.81 29.69
N MET A 303 12.96 9.44 30.80
CA MET A 303 11.79 10.16 31.29
C MET A 303 12.17 11.55 31.77
N GLN A 304 13.34 11.67 32.41
CA GLN A 304 13.82 13.00 32.79
C GLN A 304 13.97 13.88 31.57
N LYS A 305 14.53 13.35 30.48
CA LYS A 305 14.69 14.16 29.27
C LYS A 305 13.35 14.44 28.62
N GLU A 306 12.52 13.42 28.45
CA GLU A 306 11.34 13.54 27.60
C GLU A 306 10.09 13.92 28.39
N PHE A 307 9.94 13.40 29.61
CA PHE A 307 8.69 13.62 30.32
C PHE A 307 8.92 14.00 31.78
N PRO A 308 9.74 15.01 32.08
CA PRO A 308 9.90 15.39 33.49
C PRO A 308 8.58 15.76 34.14
N GLU A 309 7.59 16.16 33.34
CA GLU A 309 6.28 16.56 33.86
C GLU A 309 5.57 15.44 34.59
N LEU A 310 5.88 14.17 34.29
CA LEU A 310 5.20 13.09 34.99
C LEU A 310 5.72 12.90 36.40
N GLY A 311 6.92 13.39 36.70
CA GLY A 311 7.54 13.13 37.98
C GLY A 311 7.67 11.66 38.30
N LEU A 312 7.96 10.83 37.29
CA LEU A 312 8.13 9.40 37.54
C LEU A 312 9.23 9.16 38.57
N LEU A 313 8.90 8.38 39.60
CA LEU A 313 9.81 8.04 40.68
C LEU A 313 10.47 6.70 40.39
N ARG A 314 11.76 6.57 40.72
CA ARG A 314 12.40 5.27 40.64
C ARG A 314 11.56 4.22 41.34
N GLN A 315 10.98 4.59 42.48
CA GLN A 315 10.15 3.67 43.24
C GLN A 315 8.83 3.36 42.54
N GLU A 316 8.44 4.13 41.52
CA GLU A 316 7.28 3.73 40.74
C GLU A 316 7.64 2.72 39.65
N CYS A 317 8.92 2.46 39.43
CA CYS A 317 9.33 1.53 38.38
C CYS A 317 9.61 0.16 38.97
N HIS A 318 9.38 -0.87 38.14
CA HIS A 318 9.57 -2.24 38.56
C HIS A 318 10.25 -3.01 37.45
N GLU A 319 11.44 -3.52 37.72
CA GLU A 319 12.14 -4.36 36.75
C GLU A 319 11.71 -5.80 36.92
N MET A 320 11.69 -6.53 35.82
CA MET A 320 11.17 -7.91 35.80
C MET A 320 11.46 -8.48 34.42
N LYS A 321 11.15 -9.75 34.26
CA LYS A 321 11.31 -10.34 32.94
C LYS A 321 10.16 -9.90 32.05
N TRP A 322 10.36 -10.04 30.74
CA TRP A 322 9.37 -9.52 29.80
C TRP A 322 7.99 -10.13 30.05
N ALA A 323 7.92 -11.47 30.12
CA ALA A 323 6.64 -12.14 30.31
C ALA A 323 5.98 -11.74 31.64
N GLU A 324 6.76 -11.38 32.65
CA GLU A 324 6.15 -11.00 33.91
C GLU A 324 5.47 -9.64 33.85
N THR A 325 5.75 -8.82 32.82
CA THR A 325 5.03 -7.56 32.70
C THR A 325 3.55 -7.76 32.47
N PHE A 326 3.16 -8.91 31.89
CA PHE A 326 1.73 -9.17 31.71
C PHE A 326 1.08 -9.66 32.98
N LEU A 327 1.85 -10.03 33.99
CA LEU A 327 1.27 -10.11 35.33
C LEU A 327 1.06 -8.71 35.87
N PHE A 328 2.10 -7.88 35.82
CA PHE A 328 2.00 -6.53 36.37
C PHE A 328 0.87 -5.75 35.71
N HIS A 329 0.79 -5.80 34.39
CA HIS A 329 -0.20 -4.99 33.67
C HIS A 329 -1.59 -5.59 33.69
N ASN A 330 -1.76 -6.73 34.36
CA ASN A 330 -3.09 -7.25 34.60
C ASN A 330 -3.32 -7.44 36.09
N ASN A 331 -2.60 -6.65 36.89
CA ASN A 331 -2.88 -6.48 38.31
C ASN A 331 -2.60 -7.76 39.10
N PHE A 332 -1.69 -8.61 38.60
CA PHE A 332 -1.08 -9.69 39.38
C PHE A 332 0.23 -9.17 39.93
N ARG A 333 0.18 -8.62 41.14
CA ARG A 333 1.35 -7.94 41.70
C ARG A 333 1.64 -8.41 43.12
N ASN A 334 1.26 -9.64 43.44
CA ASN A 334 1.45 -10.19 44.77
C ASN A 334 2.11 -11.57 44.70
N SER A 337 2.25 -13.74 42.36
CA SER A 337 1.55 -14.76 41.59
C SER A 337 2.48 -15.30 40.49
N LEU A 338 2.26 -16.54 40.08
CA LEU A 338 3.10 -17.20 39.08
C LEU A 338 2.65 -16.87 37.66
N ASP A 339 3.56 -17.05 36.70
CA ASP A 339 3.24 -16.92 35.29
C ASP A 339 2.08 -17.81 34.88
N VAL A 340 1.84 -18.91 35.61
CA VAL A 340 0.76 -19.84 35.31
C VAL A 340 -0.62 -19.18 35.36
N LEU A 341 -0.75 -18.02 36.01
CA LEU A 341 -2.01 -17.29 35.96
C LEU A 341 -2.38 -16.95 34.51
N LEU A 342 -1.39 -16.79 33.64
CA LEU A 342 -1.64 -16.47 32.25
C LEU A 342 -2.26 -17.64 31.48
N ASN A 343 -2.30 -18.83 32.08
CA ASN A 343 -2.94 -20.00 31.49
C ASN A 343 -4.45 -20.04 31.75
N ARG A 344 -4.93 -19.25 32.71
CA ARG A 344 -6.36 -19.06 32.91
C ARG A 344 -6.92 -18.26 31.73
N THR A 345 -7.68 -18.94 30.86
CA THR A 345 -8.28 -18.29 29.68
C THR A 345 -9.31 -17.23 30.10
N LYS A 349 -15.86 -9.70 34.12
CA LYS A 349 -16.77 -9.65 32.97
C LYS A 349 -17.91 -8.66 33.20
N SER A 350 -18.04 -7.69 32.30
CA SER A 350 -19.09 -6.69 32.35
C SER A 350 -19.59 -6.42 30.94
N SER A 351 -20.65 -5.62 30.84
CA SER A 351 -21.07 -5.14 29.54
C SER A 351 -20.37 -3.82 29.24
N PHE A 352 -20.15 -3.56 27.95
CA PHE A 352 -19.51 -2.30 27.61
C PHE A 352 -19.87 -1.88 26.20
N LYS A 353 -19.72 -0.58 25.95
CA LYS A 353 -19.67 -0.03 24.61
C LYS A 353 -18.34 0.68 24.47
N ALA A 354 -17.61 0.38 23.40
CA ALA A 354 -16.37 1.06 23.15
C ALA A 354 -16.38 1.64 21.74
N LYS A 355 -15.70 2.77 21.62
CA LYS A 355 -15.47 3.46 20.36
C LYS A 355 -14.04 3.95 20.38
N SER A 356 -13.53 4.37 19.24
CA SER A 356 -12.12 4.74 19.20
C SER A 356 -11.84 5.62 17.99
N ASP A 357 -10.62 6.14 17.96
CA ASP A 357 -10.19 7.08 16.95
C ASP A 357 -8.68 7.06 16.89
N PHE A 358 -8.16 7.46 15.73
CA PHE A 358 -6.74 7.73 15.57
C PHE A 358 -6.55 9.23 15.51
N VAL A 359 -5.51 9.71 16.19
CA VAL A 359 -5.20 11.13 16.27
C VAL A 359 -3.94 11.35 15.44
N LYS A 360 -3.99 12.33 14.56
CA LYS A 360 -2.93 12.65 13.62
C LYS A 360 -2.31 14.02 13.88
N LYS A 361 -2.87 14.79 14.81
CA LYS A 361 -2.36 16.08 15.17
C LYS A 361 -2.76 16.27 16.63
N PRO A 362 -1.88 16.82 17.47
CA PRO A 362 -2.22 16.96 18.89
C PRO A 362 -3.49 17.77 19.09
N ILE A 363 -4.32 17.29 20.02
CA ILE A 363 -5.57 17.95 20.34
C ILE A 363 -5.26 19.09 21.28
N SER A 364 -5.69 20.30 20.92
CA SER A 364 -5.39 21.47 21.74
C SER A 364 -5.88 21.23 23.17
N ASP A 365 -5.14 21.80 24.13
CA ASP A 365 -5.38 21.52 25.54
C ASP A 365 -6.82 21.79 25.95
N ASP A 366 -7.43 22.87 25.45
CA ASP A 366 -8.79 23.22 25.85
C ASP A 366 -9.79 22.17 25.37
N ILE A 367 -9.62 21.69 24.14
CA ILE A 367 -10.49 20.65 23.65
C ILE A 367 -10.29 19.37 24.46
N PHE A 368 -9.03 19.07 24.78
CA PHE A 368 -8.74 17.86 25.53
C PHE A 368 -9.42 17.91 26.90
N GLU A 369 -9.35 19.06 27.56
CA GLU A 369 -10.04 19.24 28.83
C GLU A 369 -11.53 19.05 28.67
N GLU A 370 -12.10 19.63 27.60
CA GLU A 370 -13.53 19.49 27.36
C GLU A 370 -13.92 18.04 27.13
N MET A 371 -13.09 17.29 26.39
CA MET A 371 -13.37 15.87 26.21
C MET A 371 -13.34 15.14 27.55
N LEU A 372 -12.33 15.44 28.37
CA LEU A 372 -12.26 14.84 29.70
C LEU A 372 -13.49 15.19 30.52
N GLY A 373 -13.97 16.44 30.40
CA GLY A 373 -15.15 16.86 31.12
C GLY A 373 -16.36 15.96 30.90
N LYS A 374 -16.45 15.34 29.72
CA LYS A 374 -17.56 14.42 29.47
C LYS A 374 -17.55 13.25 30.44
N LEU A 375 -16.37 12.87 30.95
CA LEU A 375 -16.29 11.78 31.92
C LEU A 375 -16.97 12.10 33.22
N TYR A 376 -17.33 13.36 33.47
CA TYR A 376 -18.01 13.69 34.71
C TYR A 376 -19.41 13.12 34.74
N GLU A 377 -19.98 12.77 33.59
CA GLU A 377 -21.28 12.13 33.51
C GLU A 377 -21.25 10.63 33.84
N LYS A 378 -20.05 10.03 33.93
CA LYS A 378 -19.92 8.58 34.12
C LYS A 378 -18.75 8.30 35.07
N VAL A 379 -18.97 8.57 36.36
CA VAL A 379 -17.90 8.41 37.34
C VAL A 379 -17.65 6.93 37.60
N GLY A 380 -16.45 6.47 37.28
CA GLY A 380 -16.03 5.14 37.62
C GLY A 380 -16.35 4.08 36.60
N ASN A 381 -17.15 4.38 35.58
CA ASN A 381 -17.47 3.38 34.56
C ASN A 381 -17.21 3.86 33.14
N ALA A 382 -16.49 4.97 32.96
CA ALA A 382 -16.12 5.41 31.63
C ALA A 382 -14.63 5.75 31.62
N PHE A 383 -13.97 5.36 30.53
CA PHE A 383 -12.52 5.36 30.46
C PHE A 383 -12.11 5.79 29.07
N ILE A 384 -11.15 6.69 29.02
CA ILE A 384 -10.53 7.11 27.78
C ILE A 384 -9.07 6.71 27.86
N ASP A 385 -8.65 5.80 26.99
CA ASP A 385 -7.28 5.32 26.95
C ASP A 385 -6.56 5.91 25.77
N LEU A 386 -5.26 6.13 25.95
CA LEU A 386 -4.41 6.69 24.91
C LEU A 386 -3.27 5.71 24.67
N PHE A 387 -3.04 5.36 23.41
CA PHE A 387 -2.04 4.39 23.05
C PHE A 387 -1.09 5.00 22.03
N PRO A 388 0.20 5.06 22.30
CA PRO A 388 1.11 5.76 21.39
C PRO A 388 1.42 4.92 20.16
N LEU A 389 1.51 5.57 19.00
CA LEU A 389 1.97 4.87 17.81
C LEU A 389 3.40 5.28 17.47
N GLY A 390 3.74 5.44 16.19
CA GLY A 390 5.09 5.84 15.83
C GLY A 390 6.09 4.70 16.01
N GLY A 391 7.37 5.07 16.06
CA GLY A 391 8.39 4.04 16.19
C GLY A 391 8.36 3.14 14.96
N LYS A 392 8.49 1.83 15.19
CA LYS A 392 8.43 0.88 14.10
C LYS A 392 7.16 1.01 13.28
N MET A 393 6.04 1.41 13.92
CA MET A 393 4.79 1.54 13.17
C MET A 393 4.91 2.54 12.02
N ASN A 394 5.77 3.56 12.17
CA ASN A 394 5.99 4.50 11.07
C ASN A 394 6.82 3.89 9.95
N GLU A 395 7.60 2.85 10.23
CA GLU A 395 8.44 2.26 9.20
C GLU A 395 7.75 1.15 8.43
N ILE A 396 6.53 0.81 8.80
CA ILE A 396 5.79 -0.25 8.12
C ILE A 396 4.84 0.40 7.14
N SER A 397 4.81 -0.12 5.92
CA SER A 397 3.97 0.43 4.89
C SER A 397 2.50 0.32 5.29
N GLU A 398 1.73 1.33 4.89
CA GLU A 398 0.28 1.30 5.11
C GLU A 398 -0.40 0.12 4.41
N SER A 399 0.23 -0.48 3.40
CA SER A 399 -0.35 -1.64 2.72
C SER A 399 0.34 -2.96 3.07
N ALA A 400 1.29 -2.95 4.00
CA ALA A 400 1.98 -4.20 4.32
C ALA A 400 1.00 -5.24 4.87
N THR A 401 0.04 -4.81 5.68
CA THR A 401 -1.10 -5.60 6.10
C THR A 401 -2.35 -4.76 5.92
N PRO A 402 -3.55 -5.34 6.12
CA PRO A 402 -4.77 -4.51 6.02
C PRO A 402 -4.83 -3.32 6.99
N PHE A 403 -4.15 -3.37 8.11
CA PHE A 403 -4.11 -2.23 9.03
C PHE A 403 -3.35 -1.09 8.39
N PRO A 404 -4.01 0.04 8.10
CA PRO A 404 -3.35 1.08 7.29
C PRO A 404 -2.79 2.26 8.06
N TYR A 405 -3.07 2.34 9.36
CA TYR A 405 -2.85 3.59 10.09
C TYR A 405 -1.45 3.62 10.72
N ARG A 406 -0.48 3.80 9.83
CA ARG A 406 0.92 3.80 10.21
C ARG A 406 1.40 5.24 10.29
N ALA A 407 2.43 5.59 9.51
CA ALA A 407 3.04 6.91 9.61
C ALA A 407 1.98 7.99 9.43
N GLY A 408 2.12 9.06 10.19
CA GLY A 408 1.15 10.13 10.21
C GLY A 408 0.17 10.04 11.34
N ASN A 409 0.02 8.84 11.92
CA ASN A 409 -0.83 8.66 13.08
C ASN A 409 0.00 8.76 14.34
N LEU A 410 -0.43 9.65 15.24
CA LEU A 410 0.29 9.88 16.48
C LEU A 410 -0.11 8.90 17.57
N TYR A 411 -1.41 8.71 17.76
CA TYR A 411 -1.81 7.79 18.79
C TYR A 411 -3.23 7.34 18.53
N ASN A 412 -3.62 6.27 19.19
CA ASN A 412 -4.99 5.81 19.15
C ASN A 412 -5.65 6.24 20.45
N ILE A 413 -6.91 6.64 20.35
CA ILE A 413 -7.69 7.01 21.53
C ILE A 413 -8.91 6.10 21.58
N HIS A 414 -9.22 5.62 22.77
CA HIS A 414 -10.17 4.54 22.94
C HIS A 414 -11.13 4.96 24.04
N TYR A 415 -12.42 4.98 23.73
CA TYR A 415 -13.42 5.42 24.66
C TYR A 415 -14.23 4.20 25.07
N LEU A 416 -14.55 4.12 26.35
CA LEU A 416 -15.24 2.95 26.81
C LEU A 416 -16.11 3.35 27.97
N VAL A 417 -17.34 2.86 27.95
CA VAL A 417 -18.24 2.97 29.08
C VAL A 417 -18.69 1.55 29.39
N GLY A 418 -18.66 1.19 30.67
CA GLY A 418 -19.00 -0.16 31.06
C GLY A 418 -20.12 -0.12 32.10
N TRP A 419 -20.81 -1.23 32.27
CA TRP A 419 -21.90 -1.29 33.23
C TRP A 419 -22.15 -2.74 33.60
N GLU A 420 -22.79 -2.93 34.75
CA GLU A 420 -23.20 -4.27 35.16
C GLU A 420 -24.34 -4.73 34.26
N GLU A 421 -24.23 -5.95 33.73
CA GLU A 421 -25.26 -6.48 32.85
C GLU A 421 -26.44 -6.94 33.69
N ASP A 422 -27.57 -6.25 33.55
CA ASP A 422 -28.79 -6.62 34.27
C ASP A 422 -29.99 -6.73 33.33
N GLY A 423 -29.74 -6.91 32.03
CA GLY A 423 -30.82 -7.06 31.07
C GLY A 423 -31.70 -5.86 30.94
N ASN A 424 -31.23 -4.69 31.35
CA ASN A 424 -32.00 -3.45 31.31
C ASN A 424 -31.51 -2.67 30.09
N ILE A 425 -32.31 -2.65 29.03
CA ILE A 425 -31.91 -1.98 27.80
C ILE A 425 -31.89 -0.47 27.97
N THR A 426 -32.59 0.07 28.99
CA THR A 426 -32.55 1.52 29.20
C THR A 426 -31.21 1.95 29.76
N THR A 427 -30.65 1.19 30.70
CA THR A 427 -29.29 1.42 31.14
C THR A 427 -28.31 1.38 29.98
N SER A 428 -28.37 0.30 29.21
CA SER A 428 -27.55 0.15 28.00
C SER A 428 -27.66 1.38 27.11
N LYS A 429 -28.89 1.78 26.77
CA LYS A 429 -29.09 2.86 25.81
C LYS A 429 -28.49 4.17 26.31
N LYS A 430 -28.62 4.46 27.61
CA LYS A 430 -28.05 5.69 28.17
C LYS A 430 -26.53 5.71 28.03
N HIS A 431 -25.88 4.61 28.39
CA HIS A 431 -24.43 4.52 28.29
C HIS A 431 -23.97 4.65 26.83
N VAL A 432 -24.62 3.90 25.94
CA VAL A 432 -24.27 3.97 24.52
C VAL A 432 -24.51 5.38 23.99
N ASN A 433 -25.62 6.00 24.40
CA ASN A 433 -25.86 7.37 23.96
C ASN A 433 -24.76 8.30 24.47
N TRP A 434 -24.34 8.14 25.72
CA TRP A 434 -23.25 8.95 26.24
C TRP A 434 -21.98 8.78 25.40
N ILE A 435 -21.58 7.54 25.14
CA ILE A 435 -20.32 7.34 24.43
C ILE A 435 -20.44 7.81 22.98
N ARG A 436 -21.63 7.69 22.39
CA ARG A 436 -21.81 8.17 21.03
C ARG A 436 -21.70 9.68 20.96
N LYS A 437 -22.19 10.36 21.99
CA LYS A 437 -22.09 11.81 22.05
C LYS A 437 -20.64 12.26 22.21
N LEU A 438 -19.87 11.54 23.04
CA LEU A 438 -18.46 11.85 23.16
C LEU A 438 -17.76 11.66 21.82
N TYR A 439 -18.07 10.55 21.15
CA TYR A 439 -17.47 10.27 19.86
C TYR A 439 -17.81 11.34 18.85
N ASN A 440 -19.07 11.79 18.84
CA ASN A 440 -19.46 12.89 17.95
C ASN A 440 -18.71 14.16 18.29
N TYR A 441 -18.59 14.46 19.59
CA TYR A 441 -17.80 15.60 20.03
C TYR A 441 -16.39 15.55 19.47
N MET A 442 -15.79 14.36 19.44
CA MET A 442 -14.40 14.17 19.03
C MET A 442 -14.20 14.33 17.53
N THR A 443 -15.28 14.25 16.74
CA THR A 443 -15.17 14.20 15.28
C THR A 443 -14.21 15.21 14.67
N PRO A 444 -14.27 16.51 14.99
CA PRO A 444 -13.36 17.46 14.33
C PRO A 444 -11.88 17.26 14.65
N TYR A 445 -11.54 16.53 15.71
CA TYR A 445 -10.18 16.54 16.24
C TYR A 445 -9.44 15.25 15.97
N VAL A 446 -10.10 14.27 15.37
CA VAL A 446 -9.51 12.98 15.10
C VAL A 446 -9.42 12.85 13.59
N SER A 447 -8.92 11.72 13.12
CA SER A 447 -8.74 11.56 11.69
C SER A 447 -10.09 11.58 10.99
N LYS A 448 -10.08 11.93 9.72
CA LYS A 448 -11.30 12.00 8.94
C LYS A 448 -10.99 11.58 7.51
N ASN A 449 -12.02 11.13 6.81
CA ASN A 449 -11.92 10.76 5.41
C ASN A 449 -10.76 9.79 5.15
N PRO A 450 -10.83 8.57 5.70
CA PRO A 450 -11.88 8.04 6.58
C PRO A 450 -11.63 8.36 8.05
N ARG A 451 -12.67 8.24 8.87
CA ARG A 451 -12.50 8.26 10.32
C ARG A 451 -11.82 6.96 10.72
N ALA A 452 -10.51 7.02 10.87
CA ALA A 452 -9.70 5.85 11.13
C ALA A 452 -10.22 5.10 12.35
N THR A 453 -10.45 3.79 12.17
CA THR A 453 -10.96 2.94 13.24
C THR A 453 -10.18 1.63 13.26
N TYR A 454 -9.67 1.27 14.43
CA TYR A 454 -8.97 0.01 14.59
C TYR A 454 -9.96 -1.15 14.56
N LEU A 455 -9.74 -2.10 13.65
CA LEU A 455 -10.69 -3.21 13.47
C LEU A 455 -10.88 -4.00 14.75
N ASN A 456 -9.83 -4.16 15.56
CA ASN A 456 -9.98 -4.91 16.79
C ASN A 456 -10.77 -4.15 17.85
N PHE A 457 -11.02 -2.86 17.64
CA PHE A 457 -12.01 -2.12 18.43
C PHE A 457 -13.32 -2.06 17.66
N ARG A 458 -13.92 -3.22 17.44
CA ARG A 458 -15.00 -3.27 16.48
C ARG A 458 -16.15 -2.42 16.96
N ASP A 459 -16.75 -1.69 16.03
CA ASP A 459 -17.79 -0.73 16.34
C ASP A 459 -18.80 -0.80 15.18
N LEU A 460 -19.94 -1.43 15.42
CA LEU A 460 -20.95 -1.48 14.37
C LEU A 460 -21.51 -0.10 14.05
N ASP A 461 -21.40 0.86 14.98
CA ASP A 461 -21.92 2.22 14.78
C ASP A 461 -21.30 2.87 13.56
N ILE A 462 -20.07 2.50 13.19
CA ILE A 462 -19.42 3.15 12.06
C ILE A 462 -19.99 2.68 10.73
N GLY A 463 -20.92 1.73 10.75
CA GLY A 463 -21.60 1.24 9.56
C GLY A 463 -21.57 -0.27 9.49
N THR A 464 -22.64 -0.84 8.93
CA THR A 464 -22.72 -2.30 8.74
C THR A 464 -23.10 -2.60 7.30
N ASN A 465 -23.18 -3.91 6.99
CA ASN A 465 -23.52 -4.35 5.65
C ASN A 465 -25.02 -4.31 5.41
N ASN A 466 -25.38 -4.31 4.13
CA ASN A 466 -26.73 -4.65 3.72
C ASN A 466 -27.14 -5.98 4.35
N LYS A 467 -28.29 -5.99 5.00
CA LYS A 467 -28.97 -7.21 5.37
C LYS A 467 -30.25 -7.41 4.56
N ASP A 468 -31.07 -6.36 4.45
CA ASP A 468 -32.35 -6.48 3.75
C ASP A 468 -32.15 -6.82 2.28
N ASP A 469 -31.33 -6.03 1.57
CA ASP A 469 -31.14 -6.21 0.13
C ASP A 469 -29.65 -6.30 -0.18
N THR A 470 -29.18 -7.53 -0.42
CA THR A 470 -27.79 -7.80 -0.75
C THR A 470 -27.62 -8.31 -2.18
N THR A 471 -28.54 -7.95 -3.07
CA THR A 471 -28.54 -8.51 -4.42
C THR A 471 -27.64 -7.76 -5.39
N SER A 472 -27.32 -6.49 -5.11
CA SER A 472 -26.40 -5.73 -5.94
C SER A 472 -25.03 -5.69 -5.24
N SER A 473 -24.06 -6.41 -5.80
CA SER A 473 -22.73 -6.45 -5.18
C SER A 473 -22.03 -5.09 -5.31
N TYR A 474 -22.30 -4.34 -6.38
CA TYR A 474 -21.88 -2.94 -6.43
C TYR A 474 -22.36 -2.19 -5.20
N ASN A 475 -23.65 -2.30 -4.89
CA ASN A 475 -24.21 -1.61 -3.74
C ASN A 475 -23.69 -2.18 -2.43
N ASN A 476 -23.47 -3.50 -2.36
CA ASN A 476 -22.86 -4.07 -1.16
C ASN A 476 -21.48 -3.47 -0.93
N ILE A 477 -20.66 -3.42 -1.97
CA ILE A 477 -19.32 -2.87 -1.83
C ILE A 477 -19.39 -1.41 -1.42
N ALA A 478 -20.28 -0.65 -2.04
CA ALA A 478 -20.43 0.77 -1.71
C ALA A 478 -20.82 0.94 -0.24
N ARG A 479 -21.85 0.22 0.21
CA ARG A 479 -22.23 0.29 1.62
C ARG A 479 -21.10 -0.20 2.52
N ALA A 480 -20.43 -1.28 2.14
CA ALA A 480 -19.37 -1.80 2.99
C ALA A 480 -18.17 -0.88 3.02
N SER A 481 -17.98 -0.06 1.99
CA SER A 481 -16.84 0.82 1.99
C SER A 481 -16.92 1.83 3.12
N ILE A 482 -18.12 2.04 3.67
CA ILE A 482 -18.30 3.03 4.73
C ILE A 482 -17.55 2.61 5.98
N TRP A 483 -17.90 1.45 6.52
CA TRP A 483 -17.09 0.91 7.61
C TRP A 483 -15.75 0.40 7.07
N GLY A 484 -15.71 -0.02 5.81
CA GLY A 484 -14.53 -0.68 5.29
C GLY A 484 -13.33 0.23 5.17
N THR A 485 -13.53 1.44 4.63
CA THR A 485 -12.41 2.36 4.57
C THR A 485 -12.06 2.92 5.94
N LYS A 486 -12.98 2.90 6.92
CA LYS A 486 -12.60 3.32 8.27
C LYS A 486 -11.65 2.32 8.92
N TYR A 487 -11.90 1.02 8.75
CA TYR A 487 -10.98 0.04 9.30
C TYR A 487 -9.70 -0.07 8.48
N PHE A 488 -9.80 0.07 7.15
CA PHE A 488 -8.70 -0.32 6.27
C PHE A 488 -8.23 0.77 5.32
N LYS A 489 -8.84 1.95 5.32
CA LYS A 489 -8.53 3.03 4.36
C LYS A 489 -8.50 2.39 2.97
N ASP A 490 -7.44 2.57 2.19
CA ASP A 490 -7.42 2.07 0.82
C ASP A 490 -7.10 0.58 0.73
N ASN A 491 -6.76 -0.07 1.83
CA ASN A 491 -6.64 -1.53 1.77
C ASN A 491 -7.99 -2.20 1.59
N PHE A 492 -9.07 -1.45 1.74
CA PHE A 492 -10.41 -2.03 1.54
C PHE A 492 -10.55 -2.61 0.13
N TYR A 493 -10.00 -1.95 -0.87
CA TYR A 493 -10.26 -2.37 -2.25
C TYR A 493 -9.59 -3.70 -2.53
N LYS A 494 -8.37 -3.90 -2.03
CA LYS A 494 -7.71 -5.19 -2.19
C LYS A 494 -8.44 -6.27 -1.40
N LEU A 495 -8.91 -5.93 -0.19
CA LEU A 495 -9.70 -6.90 0.57
C LEU A 495 -10.91 -7.36 -0.22
N VAL A 496 -11.57 -6.42 -0.93
CA VAL A 496 -12.70 -6.81 -1.77
C VAL A 496 -12.25 -7.76 -2.86
N TYR A 497 -11.15 -7.43 -3.54
CA TYR A 497 -10.58 -8.35 -4.51
C TYR A 497 -10.37 -9.73 -3.91
N VAL A 498 -9.71 -9.79 -2.76
CA VAL A 498 -9.43 -11.09 -2.15
C VAL A 498 -10.73 -11.82 -1.83
N LYS A 499 -11.69 -11.10 -1.25
CA LYS A 499 -12.99 -11.70 -0.97
C LYS A 499 -13.60 -12.27 -2.24
N THR A 500 -13.49 -11.53 -3.35
CA THR A 500 -14.07 -11.95 -4.61
C THR A 500 -13.49 -13.27 -5.07
N ILE A 501 -12.16 -13.43 -4.96
CA ILE A 501 -11.49 -14.64 -5.42
C ILE A 501 -11.66 -15.79 -4.42
N VAL A 502 -11.71 -15.49 -3.13
CA VAL A 502 -11.57 -16.53 -2.12
C VAL A 502 -12.93 -16.97 -1.60
N ASP A 503 -13.93 -16.08 -1.66
CA ASP A 503 -15.26 -16.47 -1.21
C ASP A 503 -16.32 -15.77 -2.07
N PRO A 504 -16.35 -16.08 -3.37
CA PRO A 504 -17.26 -15.35 -4.27
C PRO A 504 -18.73 -15.48 -3.92
N THR A 505 -19.16 -16.61 -3.36
CA THR A 505 -20.55 -16.76 -2.97
C THR A 505 -20.85 -16.15 -1.61
N ASN A 506 -19.83 -15.56 -0.97
CA ASN A 506 -20.01 -14.84 0.28
C ASN A 506 -20.63 -15.74 1.35
N PHE A 507 -20.08 -16.96 1.48
CA PHE A 507 -20.48 -17.83 2.58
C PHE A 507 -20.06 -17.25 3.93
N PHE A 508 -18.84 -16.73 4.02
CA PHE A 508 -18.29 -16.19 5.26
C PHE A 508 -18.68 -14.72 5.35
N ARG A 509 -19.71 -14.45 6.13
CA ARG A 509 -20.20 -13.08 6.26
C ARG A 509 -20.62 -12.82 7.69
N ASN A 510 -20.67 -11.54 8.02
CA ASN A 510 -21.20 -11.06 9.27
C ASN A 510 -21.62 -9.61 9.04
N GLU A 511 -21.87 -8.89 10.13
CA GLU A 511 -22.40 -7.53 10.01
C GLU A 511 -21.40 -6.58 9.37
N GLN A 512 -20.10 -6.88 9.45
CA GLN A 512 -19.09 -6.02 8.82
C GLN A 512 -18.09 -6.85 8.06
N SER A 513 -18.59 -7.73 7.20
CA SER A 513 -17.73 -8.59 6.41
C SER A 513 -17.46 -7.98 5.05
N ILE A 514 -16.28 -8.26 4.52
CA ILE A 514 -15.96 -7.79 3.17
C ILE A 514 -16.89 -8.46 2.17
N PRO A 515 -17.59 -7.71 1.32
CA PRO A 515 -18.45 -8.34 0.33
C PRO A 515 -17.68 -8.61 -0.94
N PRO A 516 -18.02 -9.66 -1.67
CA PRO A 516 -17.36 -9.94 -2.95
C PRO A 516 -17.98 -9.13 -4.07
N LEU A 517 -17.16 -8.84 -5.07
CA LEU A 517 -17.71 -8.43 -6.35
C LEU A 517 -18.34 -9.64 -7.02
N ARG A 518 -19.53 -9.46 -7.58
CA ARG A 518 -20.23 -10.54 -8.27
C ARG A 518 -20.58 -10.09 -9.68
N ARG A 519 -20.74 -11.05 -10.57
CA ARG A 519 -21.15 -10.77 -11.95
C ARG A 519 -22.58 -10.25 -12.09
N ASN B 5 -22.43 12.41 -38.05
CA ASN B 5 -21.97 12.53 -36.66
C ASN B 5 -20.64 13.27 -36.61
N HIS B 6 -19.72 12.90 -37.50
CA HIS B 6 -18.43 13.60 -37.57
C HIS B 6 -18.63 15.07 -37.95
N GLU B 7 -19.47 15.34 -38.96
CA GLU B 7 -19.71 16.71 -39.36
C GLU B 7 -20.27 17.52 -38.18
N HIS B 8 -21.14 16.90 -37.37
CA HIS B 8 -21.68 17.62 -36.21
C HIS B 8 -20.61 17.83 -35.14
N PHE B 9 -19.71 16.86 -34.98
CA PHE B 9 -18.65 17.03 -33.99
C PHE B 9 -17.75 18.20 -34.35
N LEU B 10 -17.44 18.34 -35.64
CA LEU B 10 -16.63 19.46 -36.09
C LEU B 10 -17.37 20.78 -35.92
N GLN B 11 -18.69 20.78 -36.10
CA GLN B 11 -19.47 21.98 -35.86
C GLN B 11 -19.54 22.29 -34.38
N CYS B 12 -19.59 21.25 -33.55
CA CYS B 12 -19.59 21.46 -32.10
C CYS B 12 -18.31 22.17 -31.66
N LEU B 13 -17.17 21.76 -32.18
CA LEU B 13 -15.90 22.37 -31.77
C LEU B 13 -15.80 23.81 -32.24
N THR B 14 -16.02 24.04 -33.53
CA THR B 14 -15.83 25.37 -34.09
C THR B 14 -16.77 26.40 -33.48
N THR B 15 -17.91 25.95 -32.95
CA THR B 15 -18.82 26.81 -32.19
C THR B 15 -18.30 27.09 -30.78
N ARG B 16 -17.49 26.17 -30.24
CA ARG B 16 -17.01 26.26 -28.87
C ARG B 16 -15.55 26.72 -28.78
N ILE B 17 -14.83 26.77 -29.89
CA ILE B 17 -13.44 27.20 -29.93
C ILE B 17 -13.31 28.31 -30.97
N SER B 18 -12.92 29.50 -30.53
CA SER B 18 -12.69 30.62 -31.44
C SER B 18 -11.43 30.42 -32.29
N PRO B 25 -4.26 29.04 -34.12
CA PRO B 25 -4.76 27.80 -34.72
C PRO B 25 -4.89 26.67 -33.71
N VAL B 26 -6.13 26.27 -33.42
CA VAL B 26 -6.43 25.28 -32.39
C VAL B 26 -6.86 23.95 -33.01
N ILE B 27 -7.63 23.99 -34.10
CA ILE B 27 -8.22 22.80 -34.71
C ILE B 27 -7.51 22.50 -36.02
N TYR B 28 -6.92 21.31 -36.12
CA TYR B 28 -6.28 20.85 -37.35
C TYR B 28 -7.09 19.71 -37.93
N THR B 29 -7.46 19.83 -39.20
CA THR B 29 -8.28 18.85 -39.90
C THR B 29 -7.45 18.20 -40.99
N HIS B 30 -7.95 17.06 -41.52
CA HIS B 30 -7.29 16.37 -42.62
C HIS B 30 -6.96 17.33 -43.77
N ASP B 31 -7.91 18.20 -44.12
CA ASP B 31 -7.68 19.16 -45.20
C ASP B 31 -6.60 20.17 -44.85
N ASP B 32 -6.24 20.30 -43.58
CA ASP B 32 -5.16 21.18 -43.18
C ASP B 32 -3.83 20.61 -43.63
N PRO B 33 -2.98 21.37 -44.31
CA PRO B 33 -1.69 20.81 -44.72
C PRO B 33 -0.74 20.62 -43.56
N SER B 34 -0.82 21.46 -42.53
CA SER B 34 0.02 21.29 -41.36
C SER B 34 -0.50 20.22 -40.41
N TYR B 35 -1.58 19.53 -40.76
CA TYR B 35 -2.11 18.46 -39.90
C TYR B 35 -1.13 17.31 -39.77
N PHE B 36 -0.45 16.96 -40.87
CA PHE B 36 0.45 15.82 -40.81
C PHE B 36 1.74 16.17 -40.09
N THR B 37 2.22 17.40 -40.22
CA THR B 37 3.38 17.80 -39.46
C THR B 37 3.05 17.88 -37.97
N VAL B 38 1.88 18.42 -37.62
CA VAL B 38 1.49 18.41 -36.22
C VAL B 38 1.33 16.97 -35.72
N LEU B 39 0.83 16.09 -36.58
CA LEU B 39 0.71 14.69 -36.20
C LEU B 39 2.07 14.04 -36.04
N ASN B 40 2.90 14.10 -37.09
CA ASN B 40 4.19 13.43 -37.08
C ASN B 40 5.14 14.00 -36.03
N SER B 41 5.01 15.29 -35.71
CA SER B 41 6.09 15.98 -34.99
C SER B 41 6.33 15.39 -33.62
N SER B 42 5.29 14.81 -32.99
CA SER B 42 5.50 14.13 -31.71
C SER B 42 5.04 12.69 -31.77
N ILE B 43 5.19 12.04 -32.91
CA ILE B 43 5.16 10.58 -33.00
C ILE B 43 6.59 10.12 -32.75
N ASN B 44 6.89 9.66 -31.55
CA ASN B 44 8.26 9.31 -31.22
C ASN B 44 8.52 7.80 -31.22
N ASN B 45 7.57 7.00 -31.74
CA ASN B 45 7.86 5.64 -32.18
C ASN B 45 7.36 5.54 -33.61
N GLN B 46 8.29 5.48 -34.57
CA GLN B 46 7.91 5.56 -35.98
C GLN B 46 7.15 4.34 -36.46
N ARG B 47 7.12 3.27 -35.66
CA ARG B 47 6.29 2.10 -35.94
C ARG B 47 4.82 2.47 -36.12
N PHE B 48 4.39 3.63 -35.63
CA PHE B 48 3.00 4.07 -35.68
C PHE B 48 2.81 5.29 -36.59
N SER B 49 3.72 5.53 -37.54
CA SER B 49 3.66 6.71 -38.38
C SER B 49 3.18 6.44 -39.80
N SER B 50 3.20 5.20 -40.27
CA SER B 50 2.62 4.89 -41.56
C SER B 50 1.09 4.81 -41.45
N PRO B 51 0.38 4.92 -42.57
CA PRO B 51 -1.09 4.79 -42.49
C PRO B 51 -1.57 3.37 -42.75
N PRO B 54 -3.50 4.47 -38.37
CA PRO B 54 -4.71 4.98 -37.72
C PRO B 54 -4.54 6.46 -37.39
N LYS B 55 -5.46 7.30 -37.85
CA LYS B 55 -5.22 8.73 -37.84
C LYS B 55 -6.38 9.49 -37.20
N PRO B 56 -6.09 10.51 -36.41
CA PRO B 56 -7.16 11.24 -35.73
C PRO B 56 -8.03 12.00 -36.71
N PHE B 57 -9.33 12.03 -36.43
CA PHE B 57 -10.23 12.85 -37.22
C PHE B 57 -9.76 14.30 -37.24
N VAL B 58 -9.50 14.87 -36.05
CA VAL B 58 -8.83 16.16 -35.96
C VAL B 58 -7.82 16.09 -34.82
N ILE B 59 -6.88 17.03 -34.86
CA ILE B 59 -5.94 17.27 -33.77
C ILE B 59 -6.24 18.63 -33.20
N ILE B 60 -6.45 18.70 -31.89
CA ILE B 60 -6.65 19.94 -31.18
C ILE B 60 -5.36 20.28 -30.44
N THR B 61 -4.87 21.48 -30.67
CA THR B 61 -3.69 21.96 -29.99
C THR B 61 -4.12 23.10 -29.08
N PRO B 62 -4.61 22.80 -27.88
CA PRO B 62 -5.16 23.84 -27.03
C PRO B 62 -4.11 24.84 -26.58
N PHE B 63 -4.55 26.08 -26.40
CA PHE B 63 -3.79 27.13 -25.74
C PHE B 63 -4.41 27.53 -24.41
N HIS B 64 -5.59 27.00 -24.09
CA HIS B 64 -6.39 27.40 -22.94
C HIS B 64 -7.13 26.16 -22.46
N ALA B 65 -7.35 26.07 -21.16
CA ALA B 65 -8.14 24.96 -20.65
C ALA B 65 -9.51 24.89 -21.31
N SER B 66 -10.10 26.04 -21.67
CA SER B 66 -11.41 26.00 -22.31
C SER B 66 -11.37 25.26 -23.64
N HIS B 67 -10.22 25.29 -24.32
CA HIS B 67 -10.07 24.50 -25.55
C HIS B 67 -10.19 23.02 -25.25
N VAL B 68 -9.61 22.59 -24.12
CA VAL B 68 -9.72 21.20 -23.72
C VAL B 68 -11.15 20.90 -23.28
N GLN B 69 -11.71 21.77 -22.45
CA GLN B 69 -13.08 21.59 -22.01
C GLN B 69 -14.03 21.48 -23.20
N ALA B 70 -13.83 22.31 -24.22
CA ALA B 70 -14.69 22.24 -25.39
C ALA B 70 -14.57 20.90 -26.08
N THR B 71 -13.34 20.41 -26.23
CA THR B 71 -13.14 19.12 -26.90
C THR B 71 -13.80 17.98 -26.14
N VAL B 72 -13.65 17.94 -24.81
CA VAL B 72 -14.29 16.89 -24.02
C VAL B 72 -15.80 16.93 -24.18
N PHE B 73 -16.39 18.13 -24.07
CA PHE B 73 -17.83 18.23 -24.26
C PHE B 73 -18.25 17.69 -25.62
N CYS B 74 -17.65 18.22 -26.69
CA CYS B 74 -18.02 17.79 -28.03
C CYS B 74 -17.73 16.31 -28.22
N SER B 75 -16.60 15.82 -27.73
CA SER B 75 -16.24 14.43 -27.96
C SER B 75 -17.19 13.51 -27.22
N LYS B 76 -17.55 13.86 -26.00
CA LYS B 76 -18.60 13.15 -25.28
C LYS B 76 -19.90 13.16 -26.05
N LYS B 77 -20.34 14.36 -26.48
CA LYS B 77 -21.65 14.49 -27.11
C LYS B 77 -21.72 13.73 -28.42
N HIS B 78 -20.64 13.68 -29.18
CA HIS B 78 -20.66 13.07 -30.50
C HIS B 78 -19.87 11.77 -30.56
N GLY B 79 -19.64 11.15 -29.41
CA GLY B 79 -19.01 9.83 -29.40
C GLY B 79 -17.63 9.81 -30.01
N MET B 80 -16.87 10.89 -29.86
CA MET B 80 -15.47 10.90 -30.26
C MET B 80 -14.61 10.50 -29.07
N GLN B 81 -13.57 9.73 -29.32
CA GLN B 81 -12.62 9.33 -28.28
C GLN B 81 -11.43 10.28 -28.30
N ILE B 82 -11.05 10.76 -27.14
CA ILE B 82 -9.87 11.61 -27.02
C ILE B 82 -8.64 10.76 -26.76
N ARG B 83 -7.56 11.06 -27.45
CA ARG B 83 -6.23 10.62 -27.03
C ARG B 83 -5.45 11.86 -26.67
N THR B 84 -4.97 11.93 -25.44
CA THR B 84 -4.24 13.09 -24.97
C THR B 84 -2.76 12.86 -25.24
N ARG B 85 -2.11 13.83 -25.89
CA ARG B 85 -0.70 13.68 -26.21
C ARG B 85 0.07 14.82 -25.60
N SER B 86 1.11 14.46 -24.84
CA SER B 86 2.00 15.45 -24.25
C SER B 86 3.30 15.47 -25.05
N GLY B 87 4.19 14.51 -24.79
CA GLY B 87 5.45 14.46 -25.51
C GLY B 87 5.45 13.44 -26.62
N GLY B 88 4.39 12.63 -26.68
CA GLY B 88 4.28 11.65 -27.72
C GLY B 88 5.24 10.50 -27.61
N HIS B 89 5.79 10.26 -26.43
CA HIS B 89 6.75 9.18 -26.25
C HIS B 89 6.15 7.86 -25.82
N ASP B 90 4.83 7.77 -25.74
CA ASP B 90 4.21 6.48 -25.40
C ASP B 90 4.78 5.36 -26.24
N TYR B 91 5.30 4.32 -25.57
CA TYR B 91 5.96 3.22 -26.25
C TYR B 91 5.07 2.58 -27.30
N GLU B 92 3.75 2.62 -27.10
CA GLU B 92 2.81 1.96 -27.99
C GLU B 92 1.97 2.97 -28.79
N GLY B 93 2.39 4.23 -28.81
CA GLY B 93 1.67 5.25 -29.57
C GLY B 93 0.29 5.56 -29.05
N LEU B 94 -0.01 5.23 -27.79
CA LEU B 94 -1.38 5.36 -27.31
C LEU B 94 -1.83 6.79 -27.18
N SER B 95 -0.93 7.75 -27.26
CA SER B 95 -1.33 9.16 -27.26
C SER B 95 -1.74 9.67 -28.63
N TYR B 96 -1.65 8.84 -29.68
CA TYR B 96 -2.00 9.33 -31.00
C TYR B 96 -2.52 8.24 -31.94
N VAL B 97 -2.87 7.05 -31.44
CA VAL B 97 -3.56 6.05 -32.25
C VAL B 97 -4.73 5.51 -31.44
N SER B 98 -5.78 5.14 -32.15
CA SER B 98 -6.93 4.48 -31.56
C SER B 98 -7.52 3.56 -32.62
N SER B 99 -8.18 2.49 -32.18
CA SER B 99 -8.93 1.66 -33.10
C SER B 99 -10.34 2.20 -33.35
N VAL B 100 -10.77 3.22 -32.62
CA VAL B 100 -12.03 3.89 -32.89
C VAL B 100 -11.72 5.29 -33.38
N SER B 101 -12.74 5.94 -33.94
CA SER B 101 -12.54 7.29 -34.44
C SER B 101 -12.21 8.21 -33.27
N PHE B 102 -11.12 8.97 -33.40
CA PHE B 102 -10.56 9.67 -32.25
C PHE B 102 -10.04 11.05 -32.65
N VAL B 103 -9.87 11.88 -31.63
CA VAL B 103 -9.19 13.17 -31.77
C VAL B 103 -8.01 13.17 -30.82
N ILE B 104 -6.93 13.81 -31.25
CA ILE B 104 -5.77 14.05 -30.40
C ILE B 104 -5.90 15.42 -29.78
N ILE B 105 -5.87 15.49 -28.46
CA ILE B 105 -5.59 16.74 -27.75
C ILE B 105 -4.08 16.78 -27.54
N ASP B 106 -3.40 17.62 -28.30
CA ASP B 106 -1.95 17.72 -28.27
C ASP B 106 -1.55 18.93 -27.42
N LEU B 107 -0.93 18.67 -26.27
CA LEU B 107 -0.73 19.70 -25.28
C LEU B 107 0.52 20.56 -25.51
N ARG B 108 1.15 20.46 -26.68
CA ARG B 108 2.45 21.10 -26.90
C ARG B 108 2.44 22.59 -26.60
N ASN B 109 1.31 23.26 -26.80
CA ASN B 109 1.27 24.70 -26.52
C ASN B 109 1.04 25.01 -25.05
N LEU B 110 0.62 24.02 -24.25
CA LEU B 110 0.51 24.24 -22.81
C LEU B 110 1.82 23.78 -22.16
N ASN B 111 2.87 24.59 -22.37
CA ASN B 111 4.20 24.28 -21.86
C ASN B 111 4.78 25.40 -21.00
N LEU B 112 3.95 26.27 -20.45
CA LEU B 112 4.42 27.29 -19.52
C LEU B 112 4.95 26.65 -18.25
N ILE B 113 6.02 27.23 -17.72
CA ILE B 113 6.64 26.74 -16.50
C ILE B 113 6.92 27.93 -15.61
N ASN B 114 6.41 27.88 -14.38
CA ASN B 114 6.67 28.94 -13.41
C ASN B 114 7.45 28.34 -12.25
N VAL B 115 8.76 28.58 -12.24
CA VAL B 115 9.64 28.11 -11.19
C VAL B 115 9.69 29.16 -10.10
N ASP B 116 9.43 28.76 -8.88
CA ASP B 116 9.59 29.64 -7.73
C ASP B 116 10.70 29.08 -6.83
N VAL B 117 11.84 29.77 -6.81
CA VAL B 117 12.99 29.30 -6.04
C VAL B 117 12.67 29.27 -4.55
N GLU B 118 12.11 30.37 -4.04
CA GLU B 118 11.97 30.53 -2.59
C GLU B 118 11.12 29.41 -2.00
N SER B 119 10.05 29.03 -2.68
CA SER B 119 9.22 27.92 -2.23
C SER B 119 9.69 26.57 -2.77
N LYS B 120 10.73 26.54 -3.60
CA LYS B 120 11.24 25.28 -4.16
C LYS B 120 10.14 24.51 -4.89
N SER B 121 9.43 25.20 -5.77
CA SER B 121 8.29 24.57 -6.40
C SER B 121 8.10 25.16 -7.78
N ALA B 122 7.42 24.39 -8.63
CA ALA B 122 7.18 24.84 -9.98
C ALA B 122 5.80 24.40 -10.40
N TRP B 123 5.04 25.32 -10.97
CA TRP B 123 3.84 24.98 -11.70
C TRP B 123 4.25 24.74 -13.14
N VAL B 124 3.90 23.59 -13.68
CA VAL B 124 4.36 23.16 -14.98
C VAL B 124 3.15 22.69 -15.78
N GLN B 125 2.86 23.37 -16.88
CA GLN B 125 1.79 22.88 -17.73
C GLN B 125 2.20 21.55 -18.35
N ALA B 126 1.23 20.66 -18.49
CA ALA B 126 1.49 19.24 -18.75
C ALA B 126 1.94 18.98 -20.18
N GLY B 127 1.99 19.99 -21.04
CA GLY B 127 2.58 19.85 -22.35
C GLY B 127 4.05 20.16 -22.38
N ALA B 128 4.60 20.61 -21.26
CA ALA B 128 6.02 20.92 -21.21
C ALA B 128 6.85 19.63 -21.31
N THR B 129 8.01 19.74 -21.93
CA THR B 129 8.91 18.59 -21.97
C THR B 129 9.80 18.58 -20.74
N ILE B 130 10.39 17.40 -20.51
CA ILE B 130 11.39 17.27 -19.46
C ILE B 130 12.53 18.26 -19.68
N GLY B 131 13.01 18.38 -20.92
CA GLY B 131 14.08 19.32 -21.18
C GLY B 131 13.69 20.74 -20.83
N GLU B 132 12.49 21.16 -21.21
CA GLU B 132 12.04 22.51 -20.86
C GLU B 132 12.01 22.70 -19.36
N LEU B 133 11.54 21.70 -18.61
CA LEU B 133 11.51 21.83 -17.15
C LEU B 133 12.91 22.07 -16.60
N TYR B 134 13.86 21.24 -17.00
CA TYR B 134 15.22 21.35 -16.50
C TYR B 134 15.82 22.72 -16.82
N TYR B 135 15.65 23.16 -18.06
CA TYR B 135 16.14 24.48 -18.45
C TYR B 135 15.55 25.55 -17.55
N ARG B 136 14.23 25.50 -17.33
CA ARG B 136 13.56 26.51 -16.53
C ARG B 136 14.04 26.47 -15.10
N ILE B 137 14.32 25.28 -14.56
CA ILE B 137 14.88 25.20 -13.23
C ILE B 137 16.27 25.83 -13.21
N ALA B 138 17.12 25.43 -14.16
CA ALA B 138 18.49 25.91 -14.19
C ALA B 138 18.55 27.42 -14.42
N GLU B 139 17.54 27.96 -15.08
CA GLU B 139 17.49 29.40 -15.33
C GLU B 139 17.32 30.19 -14.02
N LYS B 140 16.71 29.58 -13.00
CA LYS B 140 16.57 30.27 -11.74
C LYS B 140 17.46 29.76 -10.63
N SER B 141 18.01 28.53 -10.74
CA SER B 141 18.83 28.06 -9.65
C SER B 141 19.73 26.92 -10.11
N GLU B 142 21.02 27.07 -9.82
CA GLU B 142 22.00 25.99 -9.93
C GLU B 142 21.69 24.84 -9.00
N ASN B 143 20.99 25.11 -7.89
CA ASN B 143 20.94 24.17 -6.77
C ASN B 143 19.57 23.56 -6.59
N LEU B 144 18.72 23.65 -7.61
CA LEU B 144 17.41 23.04 -7.55
C LEU B 144 17.30 22.05 -8.69
N ALA B 145 16.49 21.02 -8.48
CA ALA B 145 16.31 20.00 -9.48
C ALA B 145 14.90 19.47 -9.35
N PHE B 146 14.53 18.59 -10.29
CA PHE B 146 13.31 17.86 -10.17
C PHE B 146 13.64 16.44 -10.62
N PRO B 147 13.25 15.42 -9.87
CA PRO B 147 13.58 14.04 -10.23
C PRO B 147 12.72 13.55 -11.38
N ALA B 148 13.33 13.41 -12.55
CA ALA B 148 12.61 12.95 -13.72
C ALA B 148 13.63 12.29 -14.64
N GLY B 149 13.21 12.02 -15.88
CA GLY B 149 14.00 11.24 -16.79
C GLY B 149 15.12 12.04 -17.43
N ASP B 150 15.87 11.35 -18.29
CA ASP B 150 16.99 11.99 -18.98
C ASP B 150 16.69 12.25 -20.45
N CYS B 151 15.52 11.87 -20.95
CA CYS B 151 15.19 12.13 -22.34
C CYS B 151 14.51 13.50 -22.40
N PRO B 152 15.18 14.52 -22.95
CA PRO B 152 14.61 15.88 -22.85
C PRO B 152 13.34 16.09 -23.66
N GLY B 153 13.08 15.27 -24.68
CA GLY B 153 11.87 15.48 -25.46
C GLY B 153 10.61 14.88 -24.86
N VAL B 154 10.73 14.14 -23.77
CA VAL B 154 9.57 13.48 -23.20
C VAL B 154 8.66 14.51 -22.55
N GLY B 155 7.35 14.33 -22.71
CA GLY B 155 6.39 15.23 -22.07
C GLY B 155 6.25 14.96 -20.59
N ILE B 156 6.13 16.04 -19.81
CA ILE B 156 5.92 15.90 -18.38
C ILE B 156 4.58 15.27 -18.08
N GLY B 157 3.62 15.34 -19.01
CA GLY B 157 2.31 14.81 -18.73
C GLY B 157 2.34 13.31 -18.61
N GLY B 158 2.90 12.64 -19.62
CA GLY B 158 2.94 11.20 -19.60
C GLY B 158 3.98 10.67 -18.63
N GLN B 159 5.13 11.36 -18.54
CA GLN B 159 6.19 10.82 -17.69
C GLN B 159 5.77 10.78 -16.23
N ILE B 160 5.28 11.90 -15.70
CA ILE B 160 4.78 11.87 -14.33
C ILE B 160 3.56 10.97 -14.24
N GLY B 161 2.73 10.98 -15.27
CA GLY B 161 1.55 10.14 -15.28
C GLY B 161 1.85 8.66 -15.14
N GLY B 162 3.04 8.24 -15.50
CA GLY B 162 3.37 6.83 -15.36
C GLY B 162 4.45 6.61 -14.32
N GLY B 163 4.86 7.69 -13.64
CA GLY B 163 5.85 7.60 -12.59
C GLY B 163 6.98 8.60 -12.72
N GLY B 164 8.00 8.25 -13.51
CA GLY B 164 9.04 9.21 -13.84
C GLY B 164 10.35 8.93 -13.15
N TYR B 165 11.18 8.06 -13.72
CA TYR B 165 12.39 7.62 -13.04
C TYR B 165 13.62 8.29 -13.65
N GLY B 166 14.61 8.54 -12.81
CA GLY B 166 15.85 9.07 -13.33
C GLY B 166 16.98 8.96 -12.34
N TYR B 167 18.06 9.67 -12.65
CA TYR B 167 19.25 9.63 -11.81
C TYR B 167 18.97 10.07 -10.37
N LEU B 168 17.91 10.85 -10.15
CA LEU B 168 17.59 11.34 -8.81
C LEU B 168 16.56 10.46 -8.09
N ALA B 169 16.09 9.39 -8.73
CA ALA B 169 15.06 8.56 -8.10
C ALA B 169 15.61 7.88 -6.85
N ARG B 170 16.85 7.40 -6.89
CA ARG B 170 17.44 6.77 -5.71
C ARG B 170 17.61 7.77 -4.57
N LYS B 171 17.59 9.06 -4.87
CA LYS B 171 17.67 10.12 -3.87
C LYS B 171 16.32 10.67 -3.47
N TYR B 172 15.42 10.90 -4.43
CA TYR B 172 14.19 11.63 -4.15
C TYR B 172 12.94 10.92 -4.64
N GLY B 173 13.06 9.70 -5.14
CA GLY B 173 11.90 9.04 -5.66
C GLY B 173 11.57 9.50 -7.07
N LEU B 174 10.43 9.02 -7.54
CA LEU B 174 9.99 9.27 -8.89
C LEU B 174 9.45 10.68 -8.99
N ALA B 175 9.30 11.16 -10.23
CA ALA B 175 8.64 12.43 -10.46
C ALA B 175 7.28 12.44 -9.75
N ALA B 176 6.52 11.36 -9.92
CA ALA B 176 5.21 11.22 -9.29
C ALA B 176 5.28 11.34 -7.78
N ASP B 177 6.43 11.06 -7.15
CA ASP B 177 6.56 11.21 -5.71
C ASP B 177 6.85 12.64 -5.30
N ASN B 178 7.01 13.55 -6.25
CA ASN B 178 7.42 14.90 -5.97
C ASN B 178 6.45 15.89 -6.59
N VAL B 179 5.19 15.54 -6.60
CA VAL B 179 4.12 16.37 -7.14
C VAL B 179 3.33 16.94 -5.96
N LEU B 180 3.23 18.26 -5.89
CA LEU B 180 2.52 18.93 -4.80
C LEU B 180 1.05 19.11 -5.09
N ASP B 181 0.72 19.33 -6.37
CA ASP B 181 -0.61 19.69 -6.82
C ASP B 181 -0.65 19.40 -8.31
N ALA B 182 -1.83 19.53 -8.89
CA ALA B 182 -2.03 19.31 -10.30
C ALA B 182 -3.36 19.95 -10.66
N GLU B 183 -3.54 20.24 -11.94
CA GLU B 183 -4.82 20.64 -12.48
C GLU B 183 -5.26 19.62 -13.52
N VAL B 184 -6.50 19.15 -13.41
CA VAL B 184 -7.01 18.12 -14.28
C VAL B 184 -8.41 18.48 -14.73
N ILE B 185 -8.72 18.10 -15.97
CA ILE B 185 -10.06 18.17 -16.52
C ILE B 185 -10.63 16.78 -16.42
N ASP B 186 -11.80 16.66 -15.81
CA ASP B 186 -12.46 15.37 -15.72
C ASP B 186 -13.52 15.26 -16.83
N VAL B 187 -14.23 14.13 -16.81
CA VAL B 187 -15.22 13.84 -17.84
C VAL B 187 -16.33 14.89 -17.89
N LYS B 188 -16.59 15.58 -16.77
CA LYS B 188 -17.61 16.61 -16.73
C LYS B 188 -17.08 17.96 -17.21
N GLY B 189 -15.83 18.00 -17.66
CA GLY B 189 -15.23 19.25 -18.05
C GLY B 189 -14.86 20.16 -16.90
N ARG B 190 -14.90 19.67 -15.67
CA ARG B 190 -14.50 20.49 -14.53
C ARG B 190 -12.98 20.56 -14.48
N ILE B 191 -12.48 21.75 -14.15
CA ILE B 191 -11.07 21.94 -13.87
C ILE B 191 -10.90 21.74 -12.38
N LEU B 192 -10.19 20.68 -11.99
CA LEU B 192 -10.00 20.32 -10.60
C LEU B 192 -8.53 20.44 -10.25
N ASP B 193 -8.26 20.78 -9.00
CA ASP B 193 -6.89 20.66 -8.50
C ASP B 193 -6.88 19.57 -7.45
N ARG B 194 -5.75 19.45 -6.76
CA ARG B 194 -5.63 18.37 -5.79
C ARG B 194 -6.76 18.41 -4.77
N LYS B 195 -7.05 19.58 -4.23
CA LYS B 195 -8.05 19.70 -3.18
C LYS B 195 -9.44 19.39 -3.72
N SER B 196 -9.77 19.88 -4.91
CA SER B 196 -11.11 19.65 -5.44
C SER B 196 -11.23 18.31 -6.17
N MET B 197 -10.13 17.72 -6.63
CA MET B 197 -10.24 16.39 -7.23
C MET B 197 -10.23 15.30 -6.19
N GLY B 198 -9.72 15.58 -4.99
CA GLY B 198 -9.60 14.59 -3.95
C GLY B 198 -8.29 13.83 -4.04
N GLU B 199 -7.87 13.30 -2.89
CA GLU B 199 -6.59 12.60 -2.82
C GLU B 199 -6.55 11.36 -3.69
N ASP B 200 -7.72 10.74 -3.93
CA ASP B 200 -7.75 9.50 -4.68
C ASP B 200 -7.43 9.73 -6.15
N LEU B 201 -8.05 10.74 -6.75
CA LEU B 201 -7.72 11.03 -8.14
C LEU B 201 -6.33 11.64 -8.25
N PHE B 202 -5.95 12.47 -7.26
CA PHE B 202 -4.62 13.05 -7.27
C PHE B 202 -3.56 11.95 -7.18
N TRP B 203 -3.84 10.91 -6.40
CA TRP B 203 -2.98 9.73 -6.34
C TRP B 203 -2.98 8.98 -7.67
N ALA B 204 -4.15 8.82 -8.28
CA ALA B 204 -4.26 8.01 -9.48
C ALA B 204 -3.48 8.59 -10.65
N ILE B 205 -3.51 9.92 -10.82
CA ILE B 205 -2.85 10.52 -11.99
C ILE B 205 -1.34 10.56 -11.88
N ARG B 206 -0.79 10.29 -10.69
CA ARG B 206 0.66 10.31 -10.47
C ARG B 206 1.23 8.89 -10.52
N GLY B 207 1.21 8.31 -11.71
CA GLY B 207 1.71 6.96 -11.90
C GLY B 207 0.69 5.94 -12.34
N GLY B 208 -0.61 6.23 -12.22
CA GLY B 208 -1.62 5.29 -12.66
C GLY B 208 -2.11 5.47 -14.07
N GLY B 209 -1.49 6.35 -14.85
CA GLY B 209 -1.87 6.58 -16.23
C GLY B 209 -3.07 7.49 -16.32
N PRO B 210 -2.84 8.79 -16.30
CA PRO B 210 -3.96 9.74 -16.26
C PRO B 210 -4.91 9.63 -17.44
N ALA B 211 -4.47 9.04 -18.56
CA ALA B 211 -5.35 8.83 -19.70
C ALA B 211 -6.59 8.02 -19.34
N SER B 212 -6.55 7.26 -18.24
CA SER B 212 -7.72 6.55 -17.75
C SER B 212 -8.71 7.43 -16.99
N PHE B 213 -8.32 8.66 -16.62
CA PHE B 213 -9.12 9.44 -15.69
C PHE B 213 -9.49 10.83 -16.16
N GLY B 214 -8.76 11.42 -17.09
CA GLY B 214 -9.03 12.80 -17.47
C GLY B 214 -7.86 13.34 -18.24
N ILE B 215 -7.71 14.65 -18.23
CA ILE B 215 -6.66 15.33 -18.96
C ILE B 215 -5.93 16.22 -17.96
N VAL B 216 -4.70 15.85 -17.63
CA VAL B 216 -3.90 16.68 -16.74
C VAL B 216 -3.48 17.93 -17.47
N LEU B 217 -3.79 19.08 -16.89
CA LEU B 217 -3.40 20.35 -17.49
C LEU B 217 -2.06 20.85 -16.97
N SER B 218 -1.77 20.60 -15.71
CA SER B 218 -0.53 21.10 -15.12
C SER B 218 -0.20 20.25 -13.91
N TRP B 219 1.07 20.32 -13.53
CA TRP B 219 1.56 19.77 -12.27
C TRP B 219 2.20 20.89 -11.48
N LYS B 220 2.04 20.84 -10.16
CA LYS B 220 2.90 21.61 -9.27
C LYS B 220 3.95 20.65 -8.72
N LEU B 221 5.21 20.93 -9.04
CA LEU B 221 6.34 20.07 -8.68
C LEU B 221 7.05 20.57 -7.45
N GLN B 222 7.41 19.64 -6.57
CA GLN B 222 8.39 19.89 -5.53
C GLN B 222 9.78 19.91 -6.18
N LEU B 223 10.48 21.03 -6.09
CA LEU B 223 11.88 21.05 -6.51
C LEU B 223 12.75 20.58 -5.36
N VAL B 224 13.89 19.99 -5.70
CA VAL B 224 14.73 19.30 -4.73
C VAL B 224 16.16 19.83 -4.80
N PRO B 225 16.91 19.81 -3.70
CA PRO B 225 18.26 20.38 -3.72
C PRO B 225 19.24 19.49 -4.49
N VAL B 226 20.11 20.13 -5.26
CA VAL B 226 21.28 19.47 -5.86
C VAL B 226 22.49 20.36 -5.60
N PRO B 227 23.70 19.79 -5.51
CA PRO B 227 24.89 20.65 -5.39
C PRO B 227 25.18 21.36 -6.69
N SER B 228 25.94 22.44 -6.57
CA SER B 228 26.37 23.19 -7.74
C SER B 228 27.27 22.37 -8.65
N ILE B 229 27.94 21.36 -8.12
CA ILE B 229 28.80 20.51 -8.93
C ILE B 229 28.33 19.08 -8.77
N VAL B 230 27.99 18.43 -9.88
CA VAL B 230 27.75 17.01 -9.89
C VAL B 230 28.73 16.40 -10.87
N THR B 231 28.89 15.08 -10.80
CA THR B 231 29.85 14.37 -11.63
C THR B 231 29.13 13.29 -12.45
N VAL B 232 29.52 13.16 -13.71
CA VAL B 232 28.96 12.15 -14.60
C VAL B 232 30.10 11.35 -15.22
N PHE B 233 29.79 10.11 -15.59
CA PHE B 233 30.66 9.35 -16.47
C PHE B 233 29.80 8.51 -17.38
N ASP B 234 30.41 8.07 -18.47
CA ASP B 234 29.73 7.23 -19.45
C ASP B 234 30.86 6.44 -20.08
N VAL B 235 30.96 5.19 -19.67
CA VAL B 235 32.22 4.48 -19.69
C VAL B 235 31.97 3.13 -20.35
N SER B 236 32.92 2.70 -21.17
CA SER B 236 32.86 1.43 -21.87
C SER B 236 33.84 0.48 -21.20
N ARG B 237 33.44 -0.80 -21.08
CA ARG B 237 34.31 -1.81 -20.51
C ARG B 237 34.22 -3.07 -21.35
N HIS B 238 35.30 -3.85 -21.33
CA HIS B 238 35.36 -5.09 -22.08
C HIS B 238 34.69 -6.20 -21.29
N MET B 239 33.62 -6.77 -21.87
CA MET B 239 32.86 -7.82 -21.20
C MET B 239 33.67 -9.10 -21.01
N GLU B 240 34.71 -9.34 -21.80
CA GLU B 240 35.46 -10.57 -21.58
C GLU B 240 36.40 -10.47 -20.38
N ASP B 241 36.58 -9.28 -19.81
CA ASP B 241 37.47 -9.13 -18.66
C ASP B 241 36.77 -9.53 -17.37
N ASP B 242 37.46 -10.33 -16.56
CA ASP B 242 36.89 -10.75 -15.29
C ASP B 242 36.46 -9.56 -14.44
N THR B 243 37.23 -8.47 -14.50
CA THR B 243 36.87 -7.27 -13.73
C THR B 243 35.51 -6.74 -14.17
N THR B 244 35.25 -6.73 -15.48
CA THR B 244 33.95 -6.26 -15.96
C THR B 244 32.84 -7.21 -15.53
N LYS B 245 33.04 -8.51 -15.73
CA LYS B 245 32.07 -9.49 -15.26
C LYS B 245 31.82 -9.34 -13.77
N LYS B 246 32.90 -9.17 -13.00
CA LYS B 246 32.77 -8.97 -11.57
C LYS B 246 32.04 -7.67 -11.25
N PHE B 247 32.28 -6.62 -12.04
CA PHE B 247 31.57 -5.37 -11.80
C PHE B 247 30.07 -5.53 -12.01
N VAL B 248 29.66 -6.20 -13.09
CA VAL B 248 28.23 -6.40 -13.33
C VAL B 248 27.62 -7.26 -12.23
N HIS B 249 28.32 -8.35 -11.87
CA HIS B 249 27.95 -9.15 -10.69
C HIS B 249 27.74 -8.27 -9.46
N GLN B 250 28.71 -7.40 -9.15
CA GLN B 250 28.56 -6.51 -8.00
C GLN B 250 27.43 -5.51 -8.19
N TRP B 251 27.27 -5.00 -9.42
CA TRP B 251 26.22 -4.02 -9.69
C TRP B 251 24.85 -4.60 -9.33
N GLN B 252 24.59 -5.82 -9.78
CA GLN B 252 23.33 -6.49 -9.47
C GLN B 252 23.06 -6.52 -7.98
N ARG B 253 24.11 -6.64 -7.17
CA ARG B 253 23.97 -6.83 -5.74
C ARG B 253 24.16 -5.54 -4.95
N ARG B 254 24.71 -4.49 -5.56
CA ARG B 254 25.09 -3.30 -4.82
C ARG B 254 24.61 -1.99 -5.41
N ALA B 255 24.25 -1.91 -6.68
CA ALA B 255 23.94 -0.60 -7.24
C ALA B 255 22.70 0.01 -6.61
N ASP B 256 21.85 -0.81 -6.02
CA ASP B 256 20.64 -0.31 -5.36
C ASP B 256 20.89 0.01 -3.88
N LYS B 257 22.08 -0.26 -3.36
CA LYS B 257 22.34 -0.08 -1.94
C LYS B 257 23.41 0.96 -1.66
N VAL B 258 24.13 1.43 -2.68
CA VAL B 258 25.19 2.41 -2.48
C VAL B 258 24.55 3.75 -2.18
N ASP B 259 25.39 4.69 -1.73
CA ASP B 259 25.05 6.09 -1.52
C ASP B 259 23.94 6.55 -2.47
N GLU B 260 22.87 7.14 -1.91
CA GLU B 260 21.74 7.58 -2.71
C GLU B 260 22.14 8.57 -3.79
N ASP B 261 23.24 9.29 -3.60
CA ASP B 261 23.67 10.31 -4.56
C ASP B 261 24.20 9.70 -5.85
N LEU B 262 24.42 8.39 -5.90
CA LEU B 262 25.02 7.73 -7.05
C LEU B 262 24.00 6.81 -7.73
N SER B 263 23.78 7.03 -9.02
CA SER B 263 23.00 6.10 -9.83
C SER B 263 23.81 5.74 -11.06
N ILE B 264 24.10 4.45 -11.20
CA ILE B 264 24.85 3.92 -12.32
C ILE B 264 23.91 3.04 -13.15
N TYR B 265 23.68 3.44 -14.40
CA TYR B 265 22.92 2.64 -15.33
C TYR B 265 23.87 1.76 -16.11
N GLY B 266 23.35 0.66 -16.63
CA GLY B 266 24.14 -0.16 -17.52
C GLY B 266 23.45 -0.23 -18.85
N ARG B 267 24.21 -0.55 -19.90
CA ARG B 267 23.67 -0.76 -21.23
C ARG B 267 24.53 -1.79 -21.93
N PHE B 268 23.87 -2.80 -22.51
CA PHE B 268 24.54 -3.84 -23.27
C PHE B 268 23.96 -3.89 -24.67
N GLN B 269 24.83 -4.17 -25.63
CA GLN B 269 24.45 -4.27 -27.02
C GLN B 269 25.53 -5.08 -27.70
N THR B 270 25.20 -5.61 -28.87
CA THR B 270 26.25 -6.24 -29.66
C THR B 270 26.65 -5.33 -30.80
N GLU B 271 27.85 -5.58 -31.31
CA GLU B 271 28.52 -4.74 -32.26
C GLU B 271 29.17 -5.65 -33.27
N SER B 272 29.00 -5.33 -34.55
CA SER B 272 29.76 -6.01 -35.59
C SER B 272 31.23 -5.63 -35.44
N SER B 273 32.10 -6.63 -35.41
CA SER B 273 33.52 -6.37 -35.21
C SER B 273 34.35 -7.36 -36.01
N VAL B 274 35.67 -7.25 -35.84
CA VAL B 274 36.61 -8.21 -36.40
C VAL B 274 37.70 -8.45 -35.37
N ASP B 275 38.20 -9.69 -35.34
CA ASP B 275 39.34 -10.00 -34.49
C ASP B 275 40.59 -9.36 -35.11
N ASN B 276 41.76 -9.74 -34.60
CA ASN B 276 43.00 -9.16 -35.09
C ASN B 276 43.28 -9.55 -36.55
N GLU B 277 42.87 -10.75 -36.95
CA GLU B 277 43.10 -11.21 -38.32
C GLU B 277 42.03 -10.74 -39.31
N GLY B 278 41.12 -9.86 -38.91
CA GLY B 278 40.05 -9.49 -39.83
C GLY B 278 38.90 -10.46 -39.92
N ASN B 279 38.88 -11.50 -39.08
CA ASN B 279 37.73 -12.40 -39.04
C ASN B 279 36.54 -11.73 -38.36
N LYS B 280 35.36 -11.85 -38.97
CA LYS B 280 34.17 -11.18 -38.46
C LYS B 280 33.78 -11.77 -37.11
N LYS B 281 33.60 -10.90 -36.12
CA LYS B 281 33.19 -11.31 -34.79
C LYS B 281 32.04 -10.41 -34.35
N ILE B 282 31.14 -10.95 -33.56
CA ILE B 282 30.13 -10.16 -32.87
C ILE B 282 30.58 -10.02 -31.43
N VAL B 283 30.72 -8.78 -30.95
CA VAL B 283 31.16 -8.52 -29.59
C VAL B 283 30.03 -7.87 -28.81
N VAL B 284 29.92 -8.22 -27.53
CA VAL B 284 29.01 -7.55 -26.61
C VAL B 284 29.72 -6.33 -26.08
N ARG B 285 29.11 -5.15 -26.23
CA ARG B 285 29.63 -3.92 -25.67
C ARG B 285 28.83 -3.56 -24.42
N ALA B 286 29.55 -3.28 -23.34
CA ALA B 286 28.96 -2.92 -22.06
C ALA B 286 29.34 -1.48 -21.76
N SER B 287 28.34 -0.66 -21.47
CA SER B 287 28.54 0.74 -21.15
C SER B 287 27.86 1.04 -19.82
N PHE B 288 28.51 1.85 -18.99
CA PHE B 288 27.97 2.19 -17.69
C PHE B 288 28.02 3.70 -17.54
N ARG B 289 26.85 4.29 -17.39
CA ARG B 289 26.70 5.73 -17.35
C ARG B 289 26.12 6.12 -16.01
N ALA B 290 26.59 7.23 -15.47
CA ALA B 290 26.19 7.56 -14.12
C ALA B 290 26.07 9.06 -13.96
N THR B 291 25.25 9.43 -13.00
CA THR B 291 25.33 10.73 -12.40
C THR B 291 25.58 10.52 -10.93
N PHE B 292 26.61 11.19 -10.41
CA PHE B 292 26.86 11.29 -8.99
C PHE B 292 26.56 12.73 -8.56
N HIS B 293 25.64 12.89 -7.62
CA HIS B 293 25.23 14.20 -7.15
C HIS B 293 26.20 14.68 -6.08
N GLY B 294 27.41 14.98 -6.56
CA GLY B 294 28.53 15.30 -5.70
C GLY B 294 29.78 15.46 -6.53
N GLY B 295 30.88 15.75 -5.84
CA GLY B 295 32.13 16.03 -6.51
C GLY B 295 32.86 14.75 -6.92
N VAL B 296 33.84 14.93 -7.81
CA VAL B 296 34.53 13.80 -8.44
C VAL B 296 35.38 13.06 -7.43
N ASP B 297 36.01 13.78 -6.49
CA ASP B 297 36.85 13.10 -5.50
C ASP B 297 36.00 12.19 -4.61
N ARG B 298 34.88 12.72 -4.11
CA ARG B 298 33.93 11.88 -3.39
C ARG B 298 33.48 10.69 -4.23
N LEU B 299 33.17 10.92 -5.51
CA LEU B 299 32.75 9.83 -6.37
C LEU B 299 33.83 8.76 -6.47
N LEU B 300 35.06 9.18 -6.75
CA LEU B 300 36.12 8.21 -6.96
C LEU B 300 36.38 7.40 -5.68
N GLN B 301 36.29 8.06 -4.53
CA GLN B 301 36.42 7.35 -3.26
C GLN B 301 35.31 6.32 -3.08
N LEU B 302 34.09 6.74 -3.35
CA LEU B 302 32.95 5.83 -3.27
C LEU B 302 33.11 4.67 -4.25
N MET B 303 33.55 4.96 -5.48
CA MET B 303 33.65 3.91 -6.49
C MET B 303 34.73 2.91 -6.13
N GLN B 304 35.83 3.39 -5.55
CA GLN B 304 36.87 2.47 -5.08
C GLN B 304 36.32 1.60 -3.94
N LYS B 305 35.61 2.21 -3.00
CA LYS B 305 35.03 1.41 -1.92
C LYS B 305 33.97 0.43 -2.43
N GLU B 306 33.10 0.88 -3.34
CA GLU B 306 31.95 0.05 -3.69
C GLU B 306 32.11 -0.72 -4.99
N PHE B 307 32.75 -0.15 -6.01
CA PHE B 307 32.85 -0.79 -7.32
C PHE B 307 34.27 -0.66 -7.86
N PRO B 308 35.28 -1.15 -7.11
CA PRO B 308 36.65 -1.10 -7.64
C PRO B 308 36.78 -1.84 -8.96
N GLU B 309 35.95 -2.86 -9.18
CA GLU B 309 36.04 -3.65 -10.40
C GLU B 309 35.75 -2.84 -11.65
N LEU B 310 35.05 -1.71 -11.53
CA LEU B 310 34.86 -0.85 -12.70
C LEU B 310 36.16 -0.21 -13.14
N GLY B 311 37.08 0.03 -12.21
CA GLY B 311 38.29 0.77 -12.53
C GLY B 311 37.98 2.14 -13.07
N LEU B 312 36.96 2.80 -12.51
CA LEU B 312 36.57 4.12 -13.00
C LEU B 312 37.75 5.08 -12.91
N LEU B 313 38.08 5.71 -14.03
CA LEU B 313 39.23 6.61 -14.06
C LEU B 313 38.80 8.04 -13.82
N ARG B 314 39.67 8.79 -13.14
CA ARG B 314 39.44 10.22 -13.00
C ARG B 314 39.14 10.87 -14.35
N GLN B 315 39.91 10.52 -15.39
CA GLN B 315 39.71 11.16 -16.68
C GLN B 315 38.42 10.74 -17.38
N GLU B 316 37.70 9.76 -16.84
CA GLU B 316 36.39 9.41 -17.38
C GLU B 316 35.27 10.19 -16.72
N CYS B 317 35.56 10.87 -15.62
CA CYS B 317 34.54 11.62 -14.89
C CYS B 317 34.56 13.09 -15.29
N HIS B 318 33.39 13.71 -15.28
CA HIS B 318 33.24 15.09 -15.74
C HIS B 318 32.34 15.82 -14.76
N GLU B 319 32.84 16.91 -14.20
CA GLU B 319 32.06 17.72 -13.28
C GLU B 319 31.33 18.79 -14.06
N MET B 320 30.11 19.10 -13.62
CA MET B 320 29.30 20.10 -14.29
C MET B 320 28.17 20.45 -13.34
N LYS B 321 27.38 21.45 -13.72
CA LYS B 321 26.16 21.74 -12.99
C LYS B 321 25.10 20.68 -13.28
N TRP B 322 24.16 20.52 -12.35
CA TRP B 322 23.19 19.44 -12.44
C TRP B 322 22.50 19.40 -13.80
N ALA B 323 22.03 20.55 -14.28
CA ALA B 323 21.24 20.55 -15.51
C ALA B 323 22.09 20.25 -16.73
N GLU B 324 23.39 20.52 -16.67
CA GLU B 324 24.27 20.18 -17.78
C GLU B 324 24.45 18.67 -17.93
N THR B 325 24.17 17.88 -16.88
CA THR B 325 24.26 16.43 -17.04
C THR B 325 23.31 15.95 -18.13
N PHE B 326 22.22 16.67 -18.36
CA PHE B 326 21.32 16.26 -19.42
C PHE B 326 21.82 16.69 -20.79
N LEU B 327 22.81 17.57 -20.87
CA LEU B 327 23.59 17.62 -22.10
C LEU B 327 24.45 16.37 -22.22
N PHE B 328 25.25 16.08 -21.20
CA PHE B 328 26.19 14.99 -21.27
C PHE B 328 25.49 13.67 -21.58
N HIS B 329 24.42 13.37 -20.85
CA HIS B 329 23.75 12.09 -21.02
C HIS B 329 22.88 12.05 -22.26
N ASN B 330 22.79 13.15 -23.02
CA ASN B 330 22.19 13.11 -24.34
C ASN B 330 23.19 13.40 -25.45
N ASN B 331 24.48 13.15 -25.19
CA ASN B 331 25.54 13.22 -26.18
C ASN B 331 25.73 14.63 -26.74
N PHE B 332 25.32 15.64 -25.98
CA PHE B 332 25.70 17.03 -26.24
C PHE B 332 26.99 17.28 -25.47
N ARG B 333 28.12 16.93 -26.08
CA ARG B 333 29.40 16.99 -25.40
C ARG B 333 30.41 17.79 -26.20
N ASN B 334 29.94 18.82 -26.90
CA ASN B 334 30.79 19.63 -27.77
C ASN B 334 30.42 21.11 -27.66
N SER B 337 25.68 22.16 -27.06
CA SER B 337 26.64 22.72 -26.13
C SER B 337 25.97 23.63 -25.08
N LEU B 338 25.14 24.58 -25.52
CA LEU B 338 24.40 25.40 -24.56
C LEU B 338 23.19 24.63 -24.02
N ASP B 339 22.83 24.96 -22.77
CA ASP B 339 21.63 24.39 -22.14
C ASP B 339 20.37 24.64 -22.97
N VAL B 340 20.36 25.67 -23.81
CA VAL B 340 19.20 26.00 -24.65
C VAL B 340 18.75 24.81 -25.48
N LEU B 341 19.66 23.89 -25.82
CA LEU B 341 19.24 22.77 -26.66
C LEU B 341 18.21 21.91 -25.96
N LEU B 342 18.10 21.98 -24.63
CA LEU B 342 17.04 21.28 -23.95
C LEU B 342 15.66 21.84 -24.29
N ASN B 343 15.59 23.01 -24.92
CA ASN B 343 14.31 23.54 -25.33
C ASN B 343 13.90 23.09 -26.73
N ARG B 344 14.80 22.49 -27.49
CA ARG B 344 14.49 21.98 -28.81
C ARG B 344 13.62 20.75 -28.63
N THR B 345 12.32 20.89 -28.91
CA THR B 345 11.39 19.78 -28.66
C THR B 345 11.60 18.65 -29.67
N SER B 346 12.02 18.99 -30.89
CA SER B 346 12.25 18.01 -31.96
C SER B 346 13.63 17.38 -31.87
N LYS B 349 12.03 9.89 -34.77
CA LYS B 349 13.45 9.66 -34.97
C LYS B 349 13.71 8.24 -35.50
N SER B 350 13.19 7.23 -34.80
CA SER B 350 13.27 5.85 -35.23
C SER B 350 12.09 5.08 -34.65
N SER B 351 12.00 3.80 -35.00
CA SER B 351 10.91 2.96 -34.53
C SER B 351 11.49 1.83 -33.68
N PHE B 352 10.70 1.35 -32.72
CA PHE B 352 11.29 0.43 -31.75
C PHE B 352 10.20 -0.44 -31.13
N LYS B 353 10.64 -1.53 -30.53
CA LYS B 353 9.82 -2.29 -29.61
C LYS B 353 10.62 -2.44 -28.34
N ALA B 354 10.00 -2.12 -27.21
CA ALA B 354 10.67 -2.25 -25.94
C ALA B 354 9.78 -3.05 -25.00
N LYS B 355 10.43 -3.85 -24.15
CA LYS B 355 9.80 -4.60 -23.08
C LYS B 355 10.71 -4.46 -21.87
N SER B 356 10.24 -4.89 -20.71
CA SER B 356 11.00 -4.60 -19.51
C SER B 356 10.54 -5.48 -18.37
N ASP B 357 11.32 -5.44 -17.28
CA ASP B 357 11.15 -6.31 -16.15
C ASP B 357 11.77 -5.69 -14.91
N PHE B 358 11.27 -6.07 -13.76
CA PHE B 358 11.90 -5.77 -12.49
C PHE B 358 12.57 -7.02 -11.97
N VAL B 359 13.77 -6.84 -11.43
CA VAL B 359 14.57 -7.93 -10.89
C VAL B 359 14.62 -7.79 -9.39
N LYS B 360 14.27 -8.86 -8.68
CA LYS B 360 14.22 -8.88 -7.23
C LYS B 360 15.34 -9.72 -6.61
N LYS B 361 16.06 -10.48 -7.42
CA LYS B 361 17.14 -11.33 -6.95
C LYS B 361 18.22 -11.28 -8.04
N PRO B 362 19.49 -11.15 -7.67
CA PRO B 362 20.54 -11.09 -8.71
C PRO B 362 20.44 -12.27 -9.65
N ILE B 363 20.51 -11.99 -10.95
CA ILE B 363 20.52 -13.03 -11.97
C ILE B 363 21.90 -13.69 -11.99
N SER B 364 21.93 -15.03 -12.00
CA SER B 364 23.21 -15.73 -11.91
C SER B 364 24.09 -15.40 -13.12
N ASP B 365 25.40 -15.34 -12.89
CA ASP B 365 26.34 -14.88 -13.91
C ASP B 365 26.13 -15.59 -15.24
N ASP B 366 25.91 -16.91 -15.19
CA ASP B 366 25.78 -17.69 -16.42
C ASP B 366 24.50 -17.36 -17.16
N ILE B 367 23.42 -17.13 -16.41
CA ILE B 367 22.17 -16.76 -17.06
C ILE B 367 22.30 -15.37 -17.66
N PHE B 368 22.93 -14.46 -16.92
CA PHE B 368 23.15 -13.13 -17.42
C PHE B 368 23.97 -13.17 -18.71
N GLU B 369 24.95 -14.07 -18.80
CA GLU B 369 25.71 -14.22 -20.04
C GLU B 369 24.84 -14.76 -21.17
N GLU B 370 23.96 -15.75 -20.86
CA GLU B 370 23.08 -16.28 -21.90
C GLU B 370 22.06 -15.24 -22.37
N MET B 371 21.58 -14.40 -21.46
CA MET B 371 20.77 -13.25 -21.85
C MET B 371 21.52 -12.36 -22.84
N LEU B 372 22.73 -11.95 -22.47
CA LEU B 372 23.54 -11.18 -23.40
C LEU B 372 23.75 -11.91 -24.71
N GLY B 373 23.82 -13.26 -24.67
CA GLY B 373 23.96 -14.03 -25.89
C GLY B 373 22.82 -13.82 -26.87
N LYS B 374 21.64 -13.49 -26.36
CA LYS B 374 20.52 -13.22 -27.26
C LYS B 374 20.79 -12.01 -28.14
N LEU B 375 21.66 -11.10 -27.70
CA LEU B 375 21.96 -9.92 -28.51
C LEU B 375 22.71 -10.28 -29.79
N TYR B 376 23.35 -11.44 -29.83
CA TYR B 376 24.07 -11.86 -31.04
C TYR B 376 23.12 -12.01 -32.21
N GLU B 377 21.84 -12.25 -31.95
CA GLU B 377 20.83 -12.36 -32.98
C GLU B 377 20.28 -11.01 -33.42
N LYS B 378 20.75 -9.92 -32.81
CA LYS B 378 20.21 -8.58 -33.07
C LYS B 378 21.35 -7.57 -32.89
N VAL B 379 22.26 -7.56 -33.86
CA VAL B 379 23.53 -6.86 -33.74
C VAL B 379 23.35 -5.38 -34.06
N GLY B 380 23.77 -4.52 -33.13
CA GLY B 380 23.78 -3.10 -33.35
C GLY B 380 22.48 -2.38 -33.09
N ASN B 381 21.33 -3.09 -33.06
CA ASN B 381 20.05 -2.39 -32.91
C ASN B 381 19.20 -2.95 -31.77
N ALA B 382 19.79 -3.73 -30.87
CA ALA B 382 19.09 -4.16 -29.67
C ALA B 382 19.91 -3.76 -28.46
N PHE B 383 19.23 -3.38 -27.39
CA PHE B 383 19.89 -2.86 -26.20
C PHE B 383 19.21 -3.41 -24.96
N ILE B 384 20.02 -3.71 -23.96
CA ILE B 384 19.53 -4.05 -22.64
C ILE B 384 20.09 -3.02 -21.66
N ASP B 385 19.20 -2.28 -21.03
CA ASP B 385 19.59 -1.26 -20.07
C ASP B 385 19.24 -1.74 -18.67
N LEU B 386 20.12 -1.42 -17.73
CA LEU B 386 19.94 -1.71 -16.33
C LEU B 386 19.81 -0.42 -15.55
N PHE B 387 18.76 -0.31 -14.75
CA PHE B 387 18.55 0.87 -13.94
C PHE B 387 18.43 0.47 -12.48
N PRO B 388 19.24 1.04 -11.59
CA PRO B 388 19.21 0.59 -10.20
C PRO B 388 18.06 1.22 -9.44
N LEU B 389 17.50 0.46 -8.51
CA LEU B 389 16.45 1.03 -7.66
C LEU B 389 17.01 1.24 -6.26
N GLY B 390 16.24 0.91 -5.22
CA GLY B 390 16.80 1.13 -3.89
C GLY B 390 16.90 2.61 -3.55
N GLY B 391 17.73 2.90 -2.56
CA GLY B 391 17.84 4.25 -2.04
C GLY B 391 16.51 4.73 -1.52
N LYS B 392 16.13 5.95 -1.90
CA LYS B 392 14.86 6.53 -1.47
C LYS B 392 13.68 5.68 -1.93
N MET B 393 13.83 4.98 -3.06
CA MET B 393 12.75 4.14 -3.57
C MET B 393 12.31 3.10 -2.55
N ASN B 394 13.25 2.59 -1.75
CA ASN B 394 12.90 1.59 -0.75
C ASN B 394 12.15 2.19 0.41
N GLU B 395 12.25 3.51 0.61
CA GLU B 395 11.61 4.14 1.75
C GLU B 395 10.22 4.64 1.42
N ILE B 396 9.81 4.56 0.17
CA ILE B 396 8.50 5.02 -0.25
C ILE B 396 7.57 3.81 -0.27
N SER B 397 6.43 3.96 0.38
CA SER B 397 5.43 2.91 0.42
C SER B 397 5.06 2.49 -1.00
N GLU B 398 4.76 1.20 -1.16
CA GLU B 398 4.29 0.72 -2.44
C GLU B 398 2.90 1.23 -2.80
N SER B 399 2.14 1.77 -1.86
CA SER B 399 0.85 2.39 -2.18
C SER B 399 0.91 3.92 -2.16
N ALA B 400 2.10 4.50 -1.98
CA ALA B 400 2.22 5.95 -1.95
C ALA B 400 1.77 6.57 -3.27
N THR B 401 2.08 5.92 -4.38
CA THR B 401 1.57 6.30 -5.68
C THR B 401 1.15 4.99 -6.33
N PRO B 402 0.51 5.02 -7.50
CA PRO B 402 0.19 3.77 -8.19
C PRO B 402 1.42 2.94 -8.54
N PHE B 403 2.59 3.53 -8.66
CA PHE B 403 3.77 2.72 -8.96
C PHE B 403 4.14 1.89 -7.73
N PRO B 404 4.09 0.54 -7.83
CA PRO B 404 4.18 -0.28 -6.61
C PRO B 404 5.55 -0.86 -6.32
N TYR B 405 6.48 -0.76 -7.28
CA TYR B 405 7.67 -1.61 -7.26
C TYR B 405 8.80 -0.87 -6.54
N ARG B 406 8.65 -0.82 -5.22
CA ARG B 406 9.61 -0.21 -4.31
C ARG B 406 10.45 -1.30 -3.64
N ALA B 407 10.44 -1.34 -2.30
CA ALA B 407 11.33 -2.24 -1.56
C ALA B 407 11.20 -3.66 -2.10
N GLY B 408 12.34 -4.33 -2.19
CA GLY B 408 12.41 -5.66 -2.76
C GLY B 408 12.77 -5.68 -4.22
N ASN B 409 12.75 -4.54 -4.90
CA ASN B 409 13.14 -4.49 -6.30
C ASN B 409 14.57 -3.99 -6.37
N LEU B 410 15.44 -4.80 -6.96
CA LEU B 410 16.84 -4.39 -7.04
C LEU B 410 17.05 -3.43 -8.19
N TYR B 411 16.53 -3.80 -9.35
CA TYR B 411 16.76 -2.95 -10.51
C TYR B 411 15.70 -3.25 -11.54
N ASN B 412 15.61 -2.37 -12.51
CA ASN B 412 14.77 -2.52 -13.67
C ASN B 412 15.65 -2.87 -14.85
N ILE B 413 15.20 -3.80 -15.67
CA ILE B 413 15.92 -4.17 -16.87
C ILE B 413 15.00 -3.89 -18.04
N HIS B 414 15.54 -3.23 -19.05
CA HIS B 414 14.78 -2.68 -20.15
C HIS B 414 15.35 -3.26 -21.44
N TYR B 415 14.52 -3.94 -22.22
CA TYR B 415 14.95 -4.53 -23.49
C TYR B 415 14.44 -3.69 -24.64
N LEU B 416 15.30 -3.37 -25.61
CA LEU B 416 14.81 -2.59 -26.73
C LEU B 416 15.44 -3.06 -28.02
N VAL B 417 14.63 -3.14 -29.07
CA VAL B 417 15.08 -3.33 -30.44
C VAL B 417 14.54 -2.17 -31.25
N GLY B 418 15.41 -1.52 -32.01
CA GLY B 418 15.04 -0.40 -32.83
C GLY B 418 15.35 -0.67 -34.28
N TRP B 419 14.74 0.11 -35.17
CA TRP B 419 14.97 -0.04 -36.60
C TRP B 419 14.50 1.24 -37.30
N GLU B 420 14.97 1.40 -38.54
CA GLU B 420 14.51 2.48 -39.40
C GLU B 420 13.24 2.02 -40.09
N GLU B 421 12.23 2.88 -40.11
CA GLU B 421 10.98 2.57 -40.79
C GLU B 421 11.22 2.58 -42.30
N ASP B 422 11.31 1.40 -42.90
CA ASP B 422 11.48 1.26 -44.34
C ASP B 422 10.29 0.58 -44.99
N GLY B 423 9.12 0.61 -44.34
CA GLY B 423 7.91 0.03 -44.88
C GLY B 423 7.81 -1.48 -44.73
N ASN B 424 8.96 -2.17 -44.78
CA ASN B 424 8.98 -3.62 -44.73
C ASN B 424 8.38 -4.15 -43.43
N ILE B 425 7.16 -4.68 -43.50
CA ILE B 425 6.52 -5.23 -42.31
C ILE B 425 7.13 -6.56 -41.90
N THR B 426 7.86 -7.23 -42.80
CA THR B 426 8.60 -8.42 -42.40
C THR B 426 9.73 -8.06 -41.44
N THR B 427 10.35 -6.90 -41.65
CA THR B 427 11.40 -6.43 -40.74
C THR B 427 10.86 -6.16 -39.35
N SER B 428 9.72 -5.48 -39.27
CA SER B 428 9.10 -5.17 -37.97
C SER B 428 8.76 -6.44 -37.21
N LYS B 429 7.97 -7.33 -37.83
CA LYS B 429 7.59 -8.59 -37.17
C LYS B 429 8.81 -9.35 -36.67
N LYS B 430 9.91 -9.33 -37.43
CA LYS B 430 11.09 -10.05 -37.01
C LYS B 430 11.71 -9.43 -35.77
N HIS B 431 11.77 -8.10 -35.71
CA HIS B 431 12.32 -7.44 -34.54
C HIS B 431 11.45 -7.69 -33.32
N VAL B 432 10.14 -7.55 -33.47
CA VAL B 432 9.21 -7.77 -32.36
C VAL B 432 9.27 -9.22 -31.91
N ASN B 433 9.34 -10.16 -32.86
CA ASN B 433 9.43 -11.56 -32.47
C ASN B 433 10.68 -11.80 -31.63
N TRP B 434 11.82 -11.23 -32.04
CA TRP B 434 13.05 -11.42 -31.30
C TRP B 434 12.91 -10.93 -29.86
N ILE B 435 12.36 -9.73 -29.68
CA ILE B 435 12.36 -9.16 -28.34
C ILE B 435 11.37 -9.93 -27.46
N ARG B 436 10.26 -10.41 -28.02
CA ARG B 436 9.37 -11.24 -27.23
C ARG B 436 10.07 -12.51 -26.75
N LYS B 437 10.87 -13.13 -27.61
CA LYS B 437 11.56 -14.36 -27.21
C LYS B 437 12.59 -14.08 -26.13
N LEU B 438 13.28 -12.94 -26.22
CA LEU B 438 14.16 -12.53 -25.13
C LEU B 438 13.38 -12.36 -23.83
N TYR B 439 12.25 -11.66 -23.91
CA TYR B 439 11.34 -11.52 -22.79
C TYR B 439 10.90 -12.89 -22.24
N ASN B 440 10.47 -13.77 -23.13
CA ASN B 440 10.09 -15.11 -22.71
C ASN B 440 11.25 -15.82 -22.03
N TYR B 441 12.45 -15.67 -22.59
CA TYR B 441 13.62 -16.28 -21.97
C TYR B 441 13.83 -15.75 -20.55
N MET B 442 13.55 -14.46 -20.33
CA MET B 442 13.85 -13.87 -19.02
C MET B 442 12.84 -14.26 -17.95
N THR B 443 11.65 -14.73 -18.34
CA THR B 443 10.56 -15.02 -17.40
C THR B 443 11.01 -15.63 -16.07
N PRO B 444 11.84 -16.68 -16.03
CA PRO B 444 12.17 -17.28 -14.74
C PRO B 444 13.04 -16.41 -13.84
N TYR B 445 13.70 -15.36 -14.37
CA TYR B 445 14.71 -14.64 -13.61
C TYR B 445 14.26 -13.24 -13.22
N VAL B 446 13.02 -12.87 -13.55
CA VAL B 446 12.49 -11.55 -13.23
C VAL B 446 11.26 -11.71 -12.35
N SER B 447 10.66 -10.60 -11.96
CA SER B 447 9.47 -10.64 -11.11
C SER B 447 8.40 -11.54 -11.71
N LYS B 448 7.61 -12.16 -10.83
CA LYS B 448 6.45 -12.92 -11.25
C LYS B 448 5.33 -12.73 -10.23
N ASN B 449 4.11 -12.98 -10.69
CA ASN B 449 2.91 -12.92 -9.86
C ASN B 449 2.83 -11.63 -9.04
N PRO B 450 2.77 -10.45 -9.69
CA PRO B 450 2.70 -10.26 -11.15
C PRO B 450 4.08 -10.09 -11.76
N ARG B 451 4.16 -10.20 -13.08
CA ARG B 451 5.38 -9.82 -13.79
C ARG B 451 5.43 -8.29 -13.80
N ALA B 452 6.14 -7.73 -12.84
CA ALA B 452 6.19 -6.29 -12.62
C ALA B 452 6.59 -5.52 -13.88
N THR B 453 5.76 -4.56 -14.27
CA THR B 453 6.02 -3.78 -15.47
C THR B 453 5.87 -2.29 -15.19
N TYR B 454 6.89 -1.53 -15.55
CA TYR B 454 6.86 -0.08 -15.44
C TYR B 454 5.89 0.49 -16.47
N LEU B 455 4.88 1.20 -15.99
CA LEU B 455 3.85 1.75 -16.88
C LEU B 455 4.46 2.62 -17.97
N ASN B 456 5.49 3.40 -17.64
CA ASN B 456 6.06 4.27 -18.65
C ASN B 456 6.85 3.47 -19.69
N PHE B 457 7.12 2.19 -19.43
CA PHE B 457 7.55 1.26 -20.48
C PHE B 457 6.34 0.51 -21.01
N ARG B 458 5.37 1.26 -21.53
CA ARG B 458 4.10 0.65 -21.88
C ARG B 458 4.29 -0.51 -22.85
N ASP B 459 3.57 -1.59 -22.59
CA ASP B 459 3.72 -2.80 -23.40
C ASP B 459 2.35 -3.42 -23.54
N LEU B 460 1.76 -3.35 -24.75
CA LEU B 460 0.46 -3.95 -24.98
C LEU B 460 0.52 -5.47 -24.93
N ASP B 461 1.72 -6.05 -25.10
CA ASP B 461 1.87 -7.50 -25.08
C ASP B 461 1.46 -8.10 -23.74
N ILE B 462 1.54 -7.31 -22.65
CA ILE B 462 1.23 -7.87 -21.34
C ILE B 462 -0.26 -7.95 -21.11
N GLY B 463 -1.06 -7.48 -22.04
CA GLY B 463 -2.51 -7.57 -21.93
C GLY B 463 -3.12 -6.23 -22.32
N THR B 464 -4.32 -6.30 -22.89
CA THR B 464 -5.09 -5.14 -23.27
C THR B 464 -6.52 -5.36 -22.81
N ASN B 465 -7.37 -4.36 -23.02
CA ASN B 465 -8.75 -4.47 -22.56
C ASN B 465 -9.57 -5.23 -23.59
N ASN B 466 -10.70 -5.76 -23.14
CA ASN B 466 -11.60 -6.46 -24.06
C ASN B 466 -12.62 -5.49 -24.63
N THR B 471 -18.80 -8.42 -21.88
CA THR B 471 -19.00 -6.98 -22.08
C THR B 471 -19.47 -6.36 -20.77
N SER B 472 -19.49 -7.19 -19.71
CA SER B 472 -19.81 -6.73 -18.37
C SER B 472 -18.60 -6.09 -17.70
N SER B 473 -18.86 -5.20 -16.74
CA SER B 473 -17.75 -4.54 -16.07
C SER B 473 -16.92 -5.54 -15.25
N TYR B 474 -17.56 -6.57 -14.68
CA TYR B 474 -16.78 -7.62 -14.01
C TYR B 474 -15.74 -8.21 -14.94
N ASN B 475 -16.19 -8.67 -16.12
CA ASN B 475 -15.24 -9.21 -17.10
C ASN B 475 -14.22 -8.16 -17.52
N ASN B 476 -14.67 -6.92 -17.71
CA ASN B 476 -13.76 -5.84 -18.09
C ASN B 476 -12.64 -5.71 -17.06
N ILE B 477 -13.02 -5.66 -15.78
CA ILE B 477 -12.05 -5.46 -14.71
C ILE B 477 -11.13 -6.65 -14.60
N ALA B 478 -11.69 -7.87 -14.69
CA ALA B 478 -10.87 -9.07 -14.60
C ALA B 478 -9.87 -9.14 -15.74
N ARG B 479 -10.31 -8.86 -16.97
CA ARG B 479 -9.37 -8.84 -18.09
C ARG B 479 -8.30 -7.76 -17.88
N ALA B 480 -8.72 -6.56 -17.52
CA ALA B 480 -7.77 -5.47 -17.29
C ALA B 480 -6.82 -5.78 -16.15
N SER B 481 -7.24 -6.58 -15.17
CA SER B 481 -6.33 -6.92 -14.08
C SER B 481 -5.07 -7.62 -14.57
N ILE B 482 -5.10 -8.19 -15.78
CA ILE B 482 -3.95 -8.92 -16.30
C ILE B 482 -2.79 -7.95 -16.54
N TRP B 483 -3.04 -6.88 -17.30
CA TRP B 483 -2.00 -5.86 -17.43
C TRP B 483 -1.99 -4.94 -16.21
N GLY B 484 -3.13 -4.78 -15.55
CA GLY B 484 -3.23 -3.85 -14.45
C GLY B 484 -2.37 -4.25 -13.26
N THR B 485 -2.38 -5.53 -12.88
CA THR B 485 -1.55 -5.90 -11.75
C THR B 485 -0.09 -5.96 -12.13
N LYS B 486 0.21 -6.07 -13.43
CA LYS B 486 1.62 -5.97 -13.84
C LYS B 486 2.14 -4.54 -13.71
N TYR B 487 1.34 -3.54 -14.10
CA TYR B 487 1.78 -2.14 -13.94
C TYR B 487 1.72 -1.69 -12.49
N PHE B 488 0.68 -2.11 -11.76
CA PHE B 488 0.32 -1.48 -10.50
C PHE B 488 0.29 -2.41 -9.30
N LYS B 489 0.52 -3.70 -9.50
CA LYS B 489 0.34 -4.70 -8.46
C LYS B 489 -1.00 -4.49 -7.76
N ASP B 490 -0.97 -4.32 -6.44
CA ASP B 490 -2.19 -4.20 -5.66
C ASP B 490 -2.82 -2.82 -5.78
N ASN B 491 -2.12 -1.85 -6.36
CA ASN B 491 -2.71 -0.55 -6.55
C ASN B 491 -3.77 -0.57 -7.63
N PHE B 492 -3.82 -1.64 -8.42
CA PHE B 492 -4.85 -1.79 -9.44
C PHE B 492 -6.26 -1.63 -8.85
N TYR B 493 -6.51 -2.20 -7.67
CA TYR B 493 -7.89 -2.25 -7.17
C TYR B 493 -8.36 -0.87 -6.74
N LYS B 494 -7.48 -0.08 -6.11
CA LYS B 494 -7.83 1.30 -5.83
C LYS B 494 -8.01 2.10 -7.11
N LEU B 495 -7.18 1.84 -8.13
CA LEU B 495 -7.37 2.54 -9.40
C LEU B 495 -8.74 2.27 -9.99
N VAL B 496 -9.21 1.01 -9.94
CA VAL B 496 -10.55 0.67 -10.41
C VAL B 496 -11.60 1.48 -9.64
N TYR B 497 -11.45 1.54 -8.31
CA TYR B 497 -12.36 2.35 -7.52
C TYR B 497 -12.34 3.80 -7.99
N VAL B 498 -11.15 4.37 -8.17
CA VAL B 498 -11.07 5.78 -8.56
C VAL B 498 -11.74 5.98 -9.90
N LYS B 499 -11.43 5.10 -10.87
CA LYS B 499 -12.05 5.18 -12.18
C LYS B 499 -13.57 5.12 -12.08
N THR B 500 -14.07 4.19 -11.26
CA THR B 500 -15.50 4.06 -11.02
C THR B 500 -16.11 5.37 -10.53
N ILE B 501 -15.42 6.07 -9.61
CA ILE B 501 -15.95 7.32 -9.08
C ILE B 501 -15.79 8.44 -10.10
N VAL B 502 -14.64 8.50 -10.74
CA VAL B 502 -14.24 9.67 -11.50
C VAL B 502 -14.71 9.62 -12.97
N ASP B 503 -14.92 8.44 -13.53
CA ASP B 503 -15.31 8.30 -14.93
C ASP B 503 -16.15 7.03 -15.05
N PRO B 504 -17.34 7.00 -14.43
CA PRO B 504 -18.13 5.76 -14.43
C PRO B 504 -18.62 5.38 -15.82
N THR B 505 -18.86 6.34 -16.70
CA THR B 505 -19.25 5.99 -18.06
C THR B 505 -18.06 5.62 -18.93
N ASN B 506 -16.85 5.60 -18.39
CA ASN B 506 -15.65 5.15 -19.09
C ASN B 506 -15.42 5.93 -20.38
N PHE B 507 -15.53 7.25 -20.28
CA PHE B 507 -15.25 8.10 -21.43
C PHE B 507 -13.76 8.11 -21.77
N PHE B 508 -12.91 8.27 -20.76
CA PHE B 508 -11.46 8.26 -20.98
C PHE B 508 -10.98 6.82 -21.00
N ARG B 509 -10.71 6.30 -22.18
CA ARG B 509 -10.26 4.92 -22.28
C ARG B 509 -9.24 4.78 -23.38
N ASN B 510 -8.51 3.67 -23.34
CA ASN B 510 -7.62 3.26 -24.40
C ASN B 510 -7.42 1.76 -24.27
N GLU B 511 -6.42 1.23 -24.96
CA GLU B 511 -6.23 -0.22 -24.99
C GLU B 511 -5.79 -0.77 -23.63
N GLN B 512 -5.32 0.09 -22.73
CA GLN B 512 -4.89 -0.32 -21.40
C GLN B 512 -5.35 0.72 -20.38
N SER B 513 -6.64 0.98 -20.36
CA SER B 513 -7.18 1.97 -19.43
C SER B 513 -7.91 1.26 -18.30
N ILE B 514 -7.84 1.85 -17.12
CA ILE B 514 -8.56 1.31 -15.96
C ILE B 514 -10.05 1.30 -16.25
N PRO B 515 -10.71 0.15 -16.18
CA PRO B 515 -12.16 0.11 -16.39
C PRO B 515 -12.90 0.39 -15.09
N PRO B 516 -14.08 0.99 -15.17
CA PRO B 516 -14.87 1.22 -13.98
C PRO B 516 -15.73 0.02 -13.63
N LEU B 517 -16.10 -0.05 -12.35
CA LEU B 517 -17.15 -0.96 -11.96
C LEU B 517 -18.49 -0.32 -12.31
N ARG B 518 -19.38 -1.08 -12.94
CA ARG B 518 -20.74 -0.65 -13.24
C ARG B 518 -21.73 -1.43 -12.38
N ARG B 519 -22.95 -0.90 -12.29
CA ARG B 519 -24.00 -1.59 -11.54
C ARG B 519 -24.47 -2.87 -12.22
#